data_5O95
#
_entry.id   5O95
#
_cell.length_a   62.785
_cell.length_b   144.777
_cell.length_c   64.086
_cell.angle_alpha   90.00
_cell.angle_beta   100.13
_cell.angle_gamma   90.00
#
_symmetry.space_group_name_H-M   'P 1 21 1'
#
loop_
_entity.id
_entity.type
_entity.pdbx_description
1 polymer 'Ribosomal RNA small subunit methyltransferase E'
2 water water
#
_entity_poly.entity_id   1
_entity_poly.type   'polypeptide(L)'
_entity_poly.pdbx_seq_one_letter_code
;GPAVRTIRIYQPGEYQPGQLLELSPEAGQHVGVVLRMEQGEQLTLFNGDNKEFTASIERVKKKQVFVRIASVLEVNRESP
LKIHLAQAISKGERMEMVMQKSAELGVACITPLITERCQVKIDKEKMAKKMHQWLNIIIGACEQCGRNQIPELRQPVYLD
QFVREAKEHLKLILHPAFSKTWRDYPVQPPDVALIIGPEGGFSDEEIRLTSGHGFLPLSLGPRVLRTETAAITALSVLQA
AGGDL
;
_entity_poly.pdbx_strand_id   A,B,C,D
#
# COMPACT_ATOMS: atom_id res chain seq x y z
N VAL A 4 47.20 14.85 -3.14
CA VAL A 4 47.24 13.42 -2.84
C VAL A 4 46.40 13.09 -1.61
N ARG A 5 45.96 11.83 -1.54
CA ARG A 5 45.07 11.39 -0.47
C ARG A 5 45.83 11.32 0.85
N THR A 6 45.27 11.94 1.89
CA THR A 6 45.83 11.87 3.22
C THR A 6 45.46 10.53 3.86
N ILE A 7 46.20 10.17 4.91
CA ILE A 7 45.94 8.92 5.64
C ILE A 7 45.01 9.23 6.81
N ARG A 8 43.82 8.63 6.83
CA ARG A 8 42.86 8.82 7.90
C ARG A 8 42.90 7.62 8.83
N ILE A 9 42.99 7.87 10.13
CA ILE A 9 43.14 6.83 11.14
C ILE A 9 42.17 7.12 12.28
N TYR A 10 41.30 6.17 12.61
CA TYR A 10 40.42 6.30 13.76
C TYR A 10 41.20 6.09 15.06
N GLN A 11 41.07 7.03 15.97
CA GLN A 11 41.80 6.97 17.24
C GLN A 11 40.92 7.64 18.28
N PRO A 12 40.22 6.86 19.10
CA PRO A 12 39.36 7.45 20.13
C PRO A 12 40.21 8.08 21.22
N GLY A 13 39.58 8.96 21.99
CA GLY A 13 40.25 9.65 23.08
C GLY A 13 40.00 11.15 23.05
N GLU A 14 40.48 11.81 24.11
CA GLU A 14 40.26 13.24 24.33
C GLU A 14 41.56 14.05 24.23
N TYR A 15 42.38 13.72 23.25
CA TYR A 15 43.67 14.39 23.03
C TYR A 15 43.45 15.74 22.34
N GLN A 16 44.45 16.61 22.43
CA GLN A 16 44.30 17.99 22.00
C GLN A 16 45.56 18.46 21.30
N PRO A 17 45.45 19.47 20.44
CA PRO A 17 46.64 20.06 19.82
C PRO A 17 47.66 20.47 20.86
N GLY A 18 48.92 20.15 20.57
CA GLY A 18 50.03 20.38 21.46
C GLY A 18 50.50 19.14 22.19
N GLN A 19 49.64 18.12 22.28
CA GLN A 19 49.96 16.94 23.06
C GLN A 19 50.69 15.88 22.24
N LEU A 20 51.50 15.10 22.94
CA LEU A 20 52.04 13.86 22.41
C LEU A 20 51.05 12.75 22.72
N LEU A 21 50.81 11.88 21.74
CA LEU A 21 49.80 10.83 21.87
C LEU A 21 50.40 9.52 21.39
N GLU A 22 50.25 8.47 22.19
CA GLU A 22 50.60 7.12 21.75
C GLU A 22 49.36 6.51 21.10
N LEU A 23 49.50 6.05 19.86
CA LEU A 23 48.38 5.45 19.17
C LEU A 23 47.98 4.14 19.83
N SER A 24 46.70 3.78 19.64
CA SER A 24 46.20 2.48 20.08
C SER A 24 46.96 1.37 19.37
N PRO A 25 46.99 0.16 19.94
CA PRO A 25 47.62 -0.96 19.22
C PRO A 25 47.05 -1.17 17.82
N GLU A 26 45.74 -0.97 17.63
CA GLU A 26 45.16 -1.09 16.29
C GLU A 26 45.66 0.02 15.37
N ALA A 27 45.62 1.27 15.83
CA ALA A 27 46.10 2.37 15.02
C ALA A 27 47.60 2.25 14.75
N GLY A 28 48.38 1.86 15.77
CA GLY A 28 49.83 1.75 15.59
C GLY A 28 50.21 0.60 14.68
N GLN A 29 49.46 -0.49 14.74
CA GLN A 29 49.64 -1.57 13.76
C GLN A 29 49.36 -1.08 12.35
N HIS A 30 48.25 -0.36 12.18
CA HIS A 30 47.90 0.20 10.87
C HIS A 30 48.99 1.14 10.36
N VAL A 31 49.46 2.05 11.22
CA VAL A 31 50.34 3.13 10.77
C VAL A 31 51.78 2.66 10.64
N GLY A 32 52.29 1.96 11.67
CA GLY A 32 53.70 1.62 11.72
C GLY A 32 54.06 0.34 11.00
N VAL A 33 53.15 -0.63 11.00
CA VAL A 33 53.41 -1.96 10.45
C VAL A 33 52.81 -2.12 9.06
N VAL A 34 51.52 -1.80 8.92
CA VAL A 34 50.83 -1.99 7.63
C VAL A 34 51.28 -0.94 6.62
N LEU A 35 51.27 0.33 7.02
CA LEU A 35 51.60 1.40 6.09
C LEU A 35 53.09 1.76 6.12
N ARG A 36 53.85 1.22 7.06
CA ARG A 36 55.30 1.41 7.13
C ARG A 36 55.70 2.88 7.23
N MET A 37 54.92 3.65 7.99
CA MET A 37 55.14 5.08 8.07
C MET A 37 56.26 5.43 9.04
N GLU A 38 56.88 6.58 8.80
CA GLU A 38 58.10 6.96 9.50
C GLU A 38 57.97 8.33 10.12
N GLN A 39 58.97 8.65 10.95
CA GLN A 39 59.03 9.93 11.62
C GLN A 39 58.84 11.09 10.64
N GLY A 40 58.01 12.05 11.04
CA GLY A 40 57.75 13.24 10.25
C GLY A 40 56.52 13.16 9.36
N GLU A 41 56.05 11.96 9.04
CA GLU A 41 54.92 11.86 8.14
C GLU A 41 53.63 12.28 8.85
N GLN A 42 52.66 12.67 8.05
CA GLN A 42 51.42 13.27 8.53
C GLN A 42 50.29 12.23 8.54
N LEU A 43 49.40 12.39 9.51
CA LEU A 43 48.21 11.58 9.64
C LEU A 43 47.05 12.50 9.97
N THR A 44 45.86 12.07 9.59
CA THR A 44 44.63 12.71 10.02
C THR A 44 43.97 11.74 10.99
N LEU A 45 44.00 12.04 12.27
CA LEU A 45 43.30 11.24 13.25
C LEU A 45 41.89 11.77 13.37
N PHE A 46 40.94 10.87 13.62
CA PHE A 46 39.62 11.31 14.02
C PHE A 46 39.21 10.49 15.22
N ASN A 47 38.54 11.13 16.19
CA ASN A 47 38.26 10.46 17.43
C ASN A 47 36.81 10.02 17.55
N GLY A 48 36.00 10.19 16.49
CA GLY A 48 34.59 9.83 16.55
C GLY A 48 33.68 10.98 16.93
N ASP A 49 34.22 12.18 17.16
CA ASP A 49 33.42 13.33 17.57
C ASP A 49 33.42 14.41 16.49
N ASN A 50 33.45 14.02 15.22
CA ASN A 50 33.38 14.96 14.09
C ASN A 50 34.52 15.97 14.11
N LYS A 51 35.67 15.52 14.59
CA LYS A 51 36.90 16.31 14.58
C LYS A 51 37.95 15.56 13.78
N GLU A 52 38.73 16.31 13.01
CA GLU A 52 39.92 15.78 12.33
C GLU A 52 41.14 16.44 12.96
N PHE A 53 42.05 15.62 13.46
CA PHE A 53 43.29 16.09 14.08
C PHE A 53 44.44 15.85 13.11
N THR A 54 45.15 16.92 12.76
CA THR A 54 46.36 16.75 11.97
C THR A 54 47.48 16.42 12.95
N ALA A 55 48.25 15.38 12.66
CA ALA A 55 49.29 14.92 13.55
C ALA A 55 50.52 14.53 12.74
N SER A 56 51.67 14.62 13.39
N SER A 56 51.67 14.63 13.39
CA SER A 56 52.94 14.21 12.79
CA SER A 56 52.95 14.24 12.81
C SER A 56 53.49 13.05 13.60
C SER A 56 53.49 13.06 13.60
N ILE A 57 54.07 12.08 12.90
CA ILE A 57 54.65 10.94 13.59
C ILE A 57 55.94 11.39 14.27
N GLU A 58 56.00 11.21 15.58
CA GLU A 58 57.20 11.56 16.33
C GLU A 58 58.19 10.40 16.47
N ARG A 59 57.70 9.18 16.63
CA ARG A 59 58.55 8.04 16.90
C ARG A 59 57.76 6.76 16.58
N VAL A 60 58.43 5.81 15.91
CA VAL A 60 57.82 4.54 15.52
C VAL A 60 58.70 3.39 15.96
N LYS A 61 58.11 2.38 16.60
CA LYS A 61 58.76 1.09 16.88
C LYS A 61 57.72 0.00 16.71
N LYS A 62 57.66 -0.57 15.50
CA LYS A 62 56.67 -1.60 15.13
C LYS A 62 55.27 -1.05 15.37
N LYS A 63 54.45 -1.67 16.22
CA LYS A 63 53.10 -1.21 16.49
C LYS A 63 53.05 -0.04 17.47
N GLN A 64 54.18 0.35 18.05
CA GLN A 64 54.20 1.45 19.00
C GLN A 64 54.54 2.74 18.25
N VAL A 65 53.56 3.63 18.13
CA VAL A 65 53.69 4.84 17.34
C VAL A 65 53.29 6.01 18.23
N PHE A 66 54.18 6.99 18.37
CA PHE A 66 53.83 8.22 19.08
C PHE A 66 53.71 9.36 18.08
N VAL A 67 52.69 10.18 18.26
CA VAL A 67 52.42 11.28 17.34
C VAL A 67 52.29 12.56 18.13
N ARG A 68 52.53 13.68 17.46
CA ARG A 68 52.30 15.01 18.03
C ARG A 68 51.07 15.59 17.37
N ILE A 69 50.08 15.97 18.17
CA ILE A 69 48.86 16.57 17.63
C ILE A 69 49.17 18.03 17.30
N ALA A 70 49.05 18.40 16.04
CA ALA A 70 49.33 19.75 15.58
C ALA A 70 48.12 20.67 15.66
N SER A 71 46.95 20.19 15.25
CA SER A 71 45.80 21.07 15.12
C SER A 71 44.55 20.19 15.01
N VAL A 72 43.40 20.83 15.15
CA VAL A 72 42.12 20.14 15.03
C VAL A 72 41.15 21.01 14.26
N LEU A 73 40.27 20.35 13.51
CA LEU A 73 39.23 21.02 12.74
C LEU A 73 37.93 20.24 12.89
N GLU A 74 36.82 20.96 13.05
CA GLU A 74 35.51 20.35 13.04
C GLU A 74 35.15 20.02 11.60
N VAL A 75 34.93 18.75 11.30
CA VAL A 75 34.63 18.30 9.94
C VAL A 75 33.52 17.27 10.04
N ASN A 76 32.33 17.64 9.57
CA ASN A 76 31.14 16.79 9.68
C ASN A 76 30.71 16.30 8.31
N ARG A 77 30.76 14.98 8.09
CA ARG A 77 30.25 14.36 6.88
C ARG A 77 29.10 13.42 7.18
N GLU A 78 28.34 13.71 8.23
CA GLU A 78 27.18 12.91 8.60
C GLU A 78 25.95 13.45 7.91
N SER A 79 25.04 12.53 7.58
CA SER A 79 23.77 12.95 7.03
C SER A 79 22.89 13.52 8.13
N PRO A 80 22.10 14.55 7.83
CA PRO A 80 21.09 15.03 8.80
C PRO A 80 20.00 14.02 9.07
N LEU A 81 19.77 13.08 8.15
CA LEU A 81 18.79 12.02 8.36
C LEU A 81 19.50 10.85 9.04
N LYS A 82 19.14 10.57 10.28
CA LYS A 82 19.80 9.56 11.09
C LYS A 82 19.04 8.26 10.93
N ILE A 83 19.58 7.35 10.13
CA ILE A 83 18.91 6.10 9.83
C ILE A 83 19.41 5.06 10.83
N HIS A 84 18.49 4.36 11.45
CA HIS A 84 18.78 3.23 12.32
C HIS A 84 18.37 1.99 11.54
N LEU A 85 19.36 1.26 11.05
CA LEU A 85 19.12 0.04 10.30
C LEU A 85 19.08 -1.14 11.25
N ALA A 86 17.99 -1.91 11.19
CA ALA A 86 17.92 -3.20 11.86
C ALA A 86 18.02 -4.25 10.77
N GLN A 87 19.17 -4.92 10.69
CA GLN A 87 19.47 -5.83 9.58
C GLN A 87 19.39 -7.26 10.07
N ALA A 88 18.48 -8.04 9.51
CA ALA A 88 18.39 -9.46 9.87
C ALA A 88 19.72 -10.15 9.64
N ILE A 89 20.17 -10.92 10.64
CA ILE A 89 21.32 -11.79 10.50
C ILE A 89 20.82 -13.15 10.03
N SER A 90 21.32 -13.61 8.89
CA SER A 90 20.98 -14.94 8.43
C SER A 90 22.21 -15.59 7.82
N LYS A 91 22.24 -16.92 7.84
CA LYS A 91 23.36 -17.66 7.25
C LYS A 91 23.38 -17.46 5.75
N GLY A 92 24.55 -17.09 5.22
CA GLY A 92 24.76 -16.93 3.81
C GLY A 92 24.62 -15.50 3.31
N GLU A 93 23.84 -14.67 4.01
CA GLU A 93 23.71 -13.27 3.67
C GLU A 93 24.95 -12.50 4.15
N ARG A 94 25.46 -11.61 3.30
CA ARG A 94 26.78 -11.02 3.47
C ARG A 94 26.70 -9.82 4.40
N MET A 95 26.76 -10.11 5.70
CA MET A 95 26.64 -9.05 6.69
C MET A 95 27.85 -8.11 6.65
N GLU A 96 29.02 -8.64 6.28
CA GLU A 96 30.21 -7.80 6.19
C GLU A 96 30.03 -6.70 5.14
N MET A 97 29.38 -7.03 4.01
CA MET A 97 29.14 -6.00 3.02
C MET A 97 28.15 -4.97 3.52
N VAL A 98 27.09 -5.41 4.22
CA VAL A 98 26.13 -4.45 4.76
C VAL A 98 26.81 -3.49 5.72
N MET A 99 27.66 -4.00 6.61
CA MET A 99 28.38 -3.16 7.57
C MET A 99 29.21 -2.10 6.84
N GLN A 100 29.98 -2.53 5.84
CA GLN A 100 30.83 -1.58 5.12
C GLN A 100 29.99 -0.56 4.36
N LYS A 101 29.02 -1.02 3.55
CA LYS A 101 28.31 -0.10 2.68
C LYS A 101 27.33 0.78 3.45
N SER A 102 26.74 0.28 4.53
CA SER A 102 25.81 1.12 5.29
C SER A 102 26.57 2.26 5.94
N ALA A 103 27.82 1.98 6.33
CA ALA A 103 28.65 3.05 6.89
C ALA A 103 28.97 4.09 5.82
N GLU A 104 29.37 3.63 4.63
CA GLU A 104 29.59 4.55 3.52
C GLU A 104 28.36 5.39 3.24
N LEU A 105 27.18 4.79 3.33
CA LEU A 105 25.94 5.48 3.02
C LEU A 105 25.39 6.26 4.21
N GLY A 106 26.22 6.46 5.24
CA GLY A 106 25.86 7.38 6.30
C GLY A 106 24.97 6.87 7.41
N VAL A 107 24.76 5.55 7.50
CA VAL A 107 23.84 5.00 8.51
C VAL A 107 24.28 5.45 9.89
N ALA A 108 23.32 5.77 10.75
CA ALA A 108 23.67 6.33 12.04
C ALA A 108 23.84 5.28 13.12
N CYS A 109 23.07 4.20 13.03
CA CYS A 109 23.02 3.18 14.06
C CYS A 109 22.65 1.88 13.34
N ILE A 110 23.25 0.77 13.78
CA ILE A 110 23.01 -0.54 13.19
C ILE A 110 22.70 -1.51 14.31
N THR A 111 21.55 -2.20 14.21
CA THR A 111 21.20 -3.28 15.14
C THR A 111 21.06 -4.57 14.36
N PRO A 112 21.94 -5.56 14.56
CA PRO A 112 21.71 -6.89 13.99
C PRO A 112 20.43 -7.47 14.57
N LEU A 113 19.63 -8.09 13.71
CA LEU A 113 18.27 -8.47 14.07
C LEU A 113 18.09 -9.96 13.87
N ILE A 114 17.43 -10.60 14.82
CA ILE A 114 17.07 -12.01 14.72
C ILE A 114 15.57 -12.11 14.54
N THR A 115 15.14 -12.65 13.40
CA THR A 115 13.73 -12.83 13.11
C THR A 115 13.43 -14.31 12.95
N GLU A 116 12.13 -14.61 12.84
CA GLU A 116 11.66 -15.99 12.82
C GLU A 116 12.31 -16.80 11.71
N ARG A 117 12.54 -16.20 10.54
CA ARG A 117 13.02 -16.93 9.38
C ARG A 117 14.53 -16.78 9.15
N CYS A 118 15.23 -16.12 10.06
CA CYS A 118 16.69 -16.16 10.03
C CYS A 118 17.16 -17.57 10.34
N GLN A 119 18.29 -17.94 9.73
CA GLN A 119 18.84 -19.28 9.87
C GLN A 119 20.11 -19.33 10.72
N VAL A 120 20.43 -18.24 11.44
CA VAL A 120 21.63 -18.22 12.26
C VAL A 120 21.46 -19.14 13.46
N LYS A 121 22.49 -19.96 13.72
CA LYS A 121 22.58 -20.73 14.95
C LYS A 121 23.30 -19.88 15.98
N ILE A 122 22.68 -19.67 17.14
CA ILE A 122 23.18 -18.73 18.13
C ILE A 122 24.33 -19.35 18.91
N ASP A 123 25.44 -18.63 18.98
CA ASP A 123 26.58 -18.97 19.82
C ASP A 123 27.13 -17.68 20.39
N LYS A 124 27.28 -17.61 21.71
CA LYS A 124 27.71 -16.38 22.35
C LYS A 124 29.13 -16.01 21.96
N GLU A 125 30.03 -17.01 21.89
CA GLU A 125 31.41 -16.74 21.51
C GLU A 125 31.51 -16.36 20.04
N LYS A 126 30.82 -17.08 19.16
CA LYS A 126 30.83 -16.75 17.75
C LYS A 126 30.30 -15.34 17.50
N MET A 127 29.24 -14.96 18.22
CA MET A 127 28.62 -13.66 18.00
C MET A 127 29.55 -12.52 18.43
N ALA A 128 30.26 -12.69 19.54
CA ALA A 128 31.17 -11.65 20.00
C ALA A 128 32.29 -11.43 18.99
N LYS A 129 32.80 -12.51 18.39
CA LYS A 129 33.82 -12.37 17.35
C LYS A 129 33.24 -11.68 16.13
N LYS A 130 32.03 -12.05 15.71
CA LYS A 130 31.42 -11.36 14.58
C LYS A 130 31.19 -9.89 14.88
N MET A 131 30.69 -9.58 16.08
CA MET A 131 30.46 -8.19 16.43
C MET A 131 31.76 -7.39 16.38
N HIS A 132 32.86 -7.99 16.80
CA HIS A 132 34.16 -7.33 16.73
C HIS A 132 34.58 -7.11 15.28
N GLN A 133 34.43 -8.14 14.44
CA GLN A 133 34.80 -8.01 13.03
C GLN A 133 33.97 -6.94 12.34
N TRP A 134 32.67 -6.91 12.64
CA TRP A 134 31.78 -5.92 12.01
C TRP A 134 32.16 -4.50 12.45
N LEU A 135 32.50 -4.31 13.72
CA LEU A 135 32.91 -2.99 14.19
C LEU A 135 34.19 -2.53 13.50
N ASN A 136 35.13 -3.46 13.31
CA ASN A 136 36.35 -3.10 12.58
C ASN A 136 36.04 -2.73 11.14
N ILE A 137 35.08 -3.42 10.51
CA ILE A 137 34.71 -3.09 9.14
C ILE A 137 34.11 -1.70 9.06
N ILE A 138 33.20 -1.38 9.99
CA ILE A 138 32.59 -0.05 10.06
C ILE A 138 33.68 1.03 10.22
N ILE A 139 34.63 0.79 11.12
CA ILE A 139 35.70 1.76 11.36
C ILE A 139 36.51 1.99 10.09
N GLY A 140 36.91 0.89 9.44
CA GLY A 140 37.63 1.01 8.17
C GLY A 140 36.85 1.79 7.13
N ALA A 141 35.54 1.51 7.04
CA ALA A 141 34.71 2.26 6.10
C ALA A 141 34.66 3.75 6.42
N CYS A 142 34.68 4.11 7.71
CA CYS A 142 34.70 5.53 8.07
C CYS A 142 36.06 6.14 7.73
N GLU A 143 37.13 5.39 7.89
CA GLU A 143 38.44 5.88 7.49
C GLU A 143 38.46 6.16 5.99
N GLN A 144 37.86 5.26 5.21
CA GLN A 144 37.88 5.37 3.76
C GLN A 144 37.00 6.50 3.26
N CYS A 145 35.78 6.60 3.78
CA CYS A 145 34.77 7.43 3.16
C CYS A 145 34.72 8.84 3.74
N GLY A 146 35.45 9.10 4.84
CA GLY A 146 35.56 10.45 5.36
C GLY A 146 34.65 10.74 6.53
N ARG A 147 33.86 9.78 7.00
CA ARG A 147 33.05 10.03 8.18
C ARG A 147 33.92 10.14 9.44
N ASN A 148 33.64 11.16 10.23
CA ASN A 148 34.38 11.45 11.45
C ASN A 148 33.57 11.11 12.70
N GLN A 149 32.42 10.44 12.53
CA GLN A 149 31.69 9.81 13.59
C GLN A 149 31.45 8.37 13.17
N ILE A 150 31.52 7.44 14.12
CA ILE A 150 31.37 6.02 13.82
C ILE A 150 29.90 5.69 14.07
N PRO A 151 29.23 4.97 13.18
CA PRO A 151 27.89 4.50 13.51
C PRO A 151 27.95 3.62 14.74
N GLU A 152 26.92 3.75 15.58
CA GLU A 152 26.76 2.88 16.72
C GLU A 152 26.36 1.48 16.23
N LEU A 153 27.13 0.47 16.63
CA LEU A 153 26.76 -0.92 16.37
C LEU A 153 26.24 -1.52 17.67
N ARG A 154 24.93 -1.78 17.71
CA ARG A 154 24.30 -2.26 18.92
C ARG A 154 24.28 -3.79 18.95
N GLN A 155 24.11 -4.33 20.14
CA GLN A 155 24.06 -5.78 20.29
C GLN A 155 22.86 -6.33 19.53
N PRO A 156 22.95 -7.57 19.03
CA PRO A 156 21.81 -8.15 18.33
C PRO A 156 20.60 -8.25 19.24
N VAL A 157 19.42 -8.05 18.65
CA VAL A 157 18.17 -8.21 19.37
C VAL A 157 17.18 -8.98 18.51
N TYR A 158 16.18 -9.55 19.17
CA TYR A 158 15.06 -10.15 18.47
C TYR A 158 14.10 -9.06 17.99
N LEU A 159 13.33 -9.41 16.95
CA LEU A 159 12.42 -8.46 16.34
C LEU A 159 11.49 -7.81 17.35
N ASP A 160 10.96 -8.61 18.29
CA ASP A 160 10.01 -8.10 19.27
C ASP A 160 10.61 -6.97 20.09
N GLN A 161 11.84 -7.16 20.58
CA GLN A 161 12.49 -6.11 21.34
C GLN A 161 12.70 -4.86 20.48
N PHE A 162 13.12 -5.04 19.24
CA PHE A 162 13.43 -3.89 18.40
C PHE A 162 12.21 -3.02 18.18
N VAL A 163 11.07 -3.64 17.83
CA VAL A 163 9.90 -2.82 17.49
C VAL A 163 9.30 -2.19 18.74
N ARG A 164 9.40 -2.87 19.89
CA ARG A 164 8.85 -2.29 21.12
C ARG A 164 9.65 -1.09 21.58
N GLU A 165 10.96 -1.07 21.29
CA GLU A 165 11.85 -0.05 21.82
C GLU A 165 12.14 1.08 20.82
N ALA A 166 11.77 0.93 19.56
CA ALA A 166 12.09 1.95 18.56
C ALA A 166 11.35 3.25 18.81
N LYS A 167 12.10 4.35 18.85
CA LYS A 167 11.55 5.67 19.10
C LYS A 167 11.76 6.64 17.95
N GLU A 168 12.29 6.16 16.81
CA GLU A 168 12.46 7.02 15.65
C GLU A 168 11.14 7.63 15.20
N HIS A 169 11.21 8.79 14.55
CA HIS A 169 9.96 9.51 14.26
C HIS A 169 9.20 8.89 13.11
N LEU A 170 9.89 8.18 12.23
CA LEU A 170 9.28 7.44 11.13
C LEU A 170 9.89 6.05 11.14
N LYS A 171 9.07 5.03 10.96
CA LYS A 171 9.50 3.64 11.14
C LYS A 171 9.04 2.82 9.94
N LEU A 172 10.01 2.22 9.24
CA LEU A 172 9.75 1.57 7.97
C LEU A 172 10.29 0.13 8.00
N ILE A 173 9.66 -0.72 7.20
CA ILE A 173 10.11 -2.09 7.06
C ILE A 173 10.07 -2.47 5.59
N LEU A 174 11.14 -3.08 5.07
CA LEU A 174 11.10 -3.51 3.68
C LEU A 174 10.15 -4.68 3.52
N HIS A 175 9.02 -4.45 2.85
CA HIS A 175 7.96 -5.44 2.78
C HIS A 175 7.06 -5.02 1.64
N PRO A 176 6.42 -5.98 0.94
CA PRO A 176 5.64 -5.64 -0.25
C PRO A 176 4.21 -5.21 0.01
N ALA A 177 3.73 -5.29 1.26
CA ALA A 177 2.32 -5.05 1.53
C ALA A 177 1.91 -3.66 1.03
N PHE A 178 0.83 -3.61 0.28
CA PHE A 178 0.20 -2.40 -0.23
C PHE A 178 1.03 -1.66 -1.27
N SER A 179 2.16 -2.22 -1.70
CA SER A 179 2.98 -1.62 -2.75
C SER A 179 3.24 -0.13 -2.48
N LYS A 180 3.67 0.18 -1.26
CA LYS A 180 3.97 1.56 -0.91
C LYS A 180 5.40 1.88 -1.29
N THR A 181 5.62 3.09 -1.76
CA THR A 181 6.94 3.48 -2.21
C THR A 181 7.41 4.70 -1.44
N TRP A 182 8.59 5.18 -1.80
CA TRP A 182 9.07 6.43 -1.20
C TRP A 182 8.09 7.58 -1.44
N ARG A 183 7.27 7.51 -2.49
CA ARG A 183 6.32 8.57 -2.77
C ARG A 183 5.25 8.66 -1.70
N ASP A 184 5.09 7.61 -0.90
CA ASP A 184 4.03 7.55 0.10
C ASP A 184 4.48 8.04 1.46
N TYR A 185 5.76 8.42 1.60
CA TYR A 185 6.27 8.76 2.91
C TYR A 185 6.91 10.15 2.93
N PRO A 186 6.76 10.86 4.02
CA PRO A 186 7.57 12.06 4.23
C PRO A 186 8.91 11.72 4.84
N VAL A 187 9.90 11.42 3.99
CA VAL A 187 11.22 11.03 4.46
C VAL A 187 12.01 12.32 4.65
N GLN A 188 12.29 12.66 5.92
CA GLN A 188 13.06 13.85 6.26
C GLN A 188 13.62 13.64 7.67
N PRO A 189 14.61 14.45 8.07
CA PRO A 189 15.13 14.34 9.43
C PRO A 189 14.02 14.54 10.44
N PRO A 190 14.21 14.11 11.71
CA PRO A 190 15.52 13.77 12.32
C PRO A 190 16.02 12.37 12.05
N ASP A 191 15.13 11.40 11.90
CA ASP A 191 15.58 10.03 11.95
C ASP A 191 14.58 9.17 11.19
N VAL A 192 14.95 7.89 11.05
N VAL A 192 14.98 7.92 10.94
CA VAL A 192 14.07 6.88 10.47
CA VAL A 192 14.11 6.87 10.44
C VAL A 192 14.61 5.53 10.91
C VAL A 192 14.64 5.54 10.99
N ALA A 193 13.72 4.64 11.36
CA ALA A 193 14.09 3.26 11.66
C ALA A 193 13.75 2.43 10.43
N LEU A 194 14.64 1.51 10.04
CA LEU A 194 14.42 0.68 8.85
C LEU A 194 14.74 -0.77 9.20
N ILE A 195 13.76 -1.64 9.05
CA ILE A 195 13.95 -3.07 9.26
C ILE A 195 14.12 -3.73 7.90
N ILE A 196 15.19 -4.49 7.76
CA ILE A 196 15.41 -5.33 6.57
C ILE A 196 15.43 -6.77 7.06
N GLY A 197 14.50 -7.58 6.55
CA GLY A 197 14.39 -8.96 6.96
C GLY A 197 15.29 -9.87 6.16
N PRO A 198 15.27 -11.16 6.50
CA PRO A 198 16.07 -12.12 5.76
C PRO A 198 15.41 -12.48 4.44
N GLU A 199 16.15 -13.25 3.63
CA GLU A 199 15.67 -13.62 2.30
C GLU A 199 14.29 -14.25 2.35
N GLY A 200 14.00 -15.00 3.42
CA GLY A 200 12.73 -15.68 3.56
C GLY A 200 11.59 -14.82 4.03
N GLY A 201 11.83 -13.56 4.35
CA GLY A 201 10.74 -12.66 4.69
C GLY A 201 10.30 -12.77 6.14
N PHE A 202 9.07 -12.32 6.38
CA PHE A 202 8.50 -12.26 7.73
C PHE A 202 7.26 -13.16 7.81
N SER A 203 7.05 -13.76 8.98
CA SER A 203 5.83 -14.51 9.22
C SER A 203 4.65 -13.56 9.39
N ASP A 204 3.43 -14.10 9.23
CA ASP A 204 2.23 -13.27 9.42
C ASP A 204 2.21 -12.65 10.81
N GLU A 205 2.58 -13.43 11.83
CA GLU A 205 2.60 -12.92 13.19
C GLU A 205 3.59 -11.76 13.33
N GLU A 206 4.77 -11.86 12.69
CA GLU A 206 5.74 -10.77 12.77
C GLU A 206 5.23 -9.51 12.09
N ILE A 207 4.49 -9.67 10.99
CA ILE A 207 3.94 -8.51 10.30
C ILE A 207 2.89 -7.81 11.16
N ARG A 208 2.05 -8.59 11.85
CA ARG A 208 1.10 -7.97 12.76
C ARG A 208 1.81 -7.22 13.88
N LEU A 209 2.94 -7.78 14.35
CA LEU A 209 3.69 -7.16 15.44
C LEU A 209 4.34 -5.85 14.98
N THR A 210 4.99 -5.86 13.82
CA THR A 210 5.63 -4.64 13.34
C THR A 210 4.60 -3.57 13.00
N SER A 211 3.49 -3.97 12.35
CA SER A 211 2.46 -2.98 12.02
C SER A 211 1.85 -2.39 13.29
N GLY A 212 1.67 -3.22 14.33
CA GLY A 212 1.09 -2.73 15.57
C GLY A 212 1.97 -1.75 16.32
N HIS A 213 3.27 -1.72 16.01
CA HIS A 213 4.21 -0.78 16.59
C HIS A 213 4.59 0.36 15.64
N GLY A 214 3.81 0.56 14.59
CA GLY A 214 3.98 1.73 13.75
C GLY A 214 4.97 1.59 12.62
N PHE A 215 5.47 0.39 12.34
CA PHE A 215 6.32 0.21 11.19
C PHE A 215 5.48 0.05 9.94
N LEU A 216 5.80 0.81 8.95
CA LEU A 216 5.04 0.90 7.73
C LEU A 216 5.85 0.32 6.58
N PRO A 217 5.22 -0.35 5.63
CA PRO A 217 5.97 -1.10 4.61
C PRO A 217 6.49 -0.23 3.49
N LEU A 218 7.66 -0.63 2.97
CA LEU A 218 8.30 0.12 1.90
C LEU A 218 8.75 -0.89 0.85
N SER A 219 8.26 -0.74 -0.37
N SER A 219 8.27 -0.72 -0.38
CA SER A 219 8.74 -1.58 -1.47
CA SER A 219 8.71 -1.53 -1.50
C SER A 219 9.82 -0.83 -2.25
C SER A 219 9.81 -0.81 -2.26
N LEU A 220 10.64 -1.60 -2.96
CA LEU A 220 11.74 -1.05 -3.73
C LEU A 220 11.82 -1.79 -5.06
N GLY A 221 10.75 -1.67 -5.84
CA GLY A 221 10.74 -2.21 -7.18
C GLY A 221 10.21 -3.63 -7.31
N PRO A 222 10.05 -4.08 -8.55
CA PRO A 222 9.45 -5.39 -8.81
C PRO A 222 10.44 -6.55 -8.86
N ARG A 223 11.74 -6.29 -8.74
CA ARG A 223 12.76 -7.32 -8.76
C ARG A 223 13.16 -7.66 -7.34
N VAL A 224 13.41 -8.94 -7.11
CA VAL A 224 13.80 -9.42 -5.79
C VAL A 224 15.26 -9.05 -5.57
N LEU A 225 15.53 -8.30 -4.52
CA LEU A 225 16.88 -7.84 -4.19
C LEU A 225 17.50 -8.80 -3.19
N ARG A 226 18.76 -9.17 -3.40
CA ARG A 226 19.48 -9.87 -2.34
C ARG A 226 19.48 -8.98 -1.10
N THR A 227 19.58 -9.63 0.08
CA THR A 227 19.49 -8.93 1.35
C THR A 227 20.49 -7.78 1.42
N GLU A 228 21.71 -8.00 0.93
CA GLU A 228 22.72 -6.96 1.02
C GLU A 228 22.49 -5.86 -0.02
N THR A 229 21.98 -6.21 -1.20
CA THR A 229 21.60 -5.18 -2.14
C THR A 229 20.46 -4.33 -1.58
N ALA A 230 19.49 -4.95 -0.91
CA ALA A 230 18.35 -4.20 -0.37
C ALA A 230 18.81 -3.15 0.62
N ALA A 231 19.85 -3.47 1.40
CA ALA A 231 20.38 -2.51 2.37
C ALA A 231 20.98 -1.30 1.66
N ILE A 232 21.82 -1.56 0.66
CA ILE A 232 22.41 -0.46 -0.13
C ILE A 232 21.32 0.37 -0.78
N THR A 233 20.37 -0.30 -1.43
CA THR A 233 19.36 0.41 -2.18
C THR A 233 18.45 1.22 -1.26
N ALA A 234 18.03 0.61 -0.16
CA ALA A 234 17.14 1.32 0.77
C ALA A 234 17.83 2.54 1.38
N LEU A 235 19.09 2.39 1.80
CA LEU A 235 19.77 3.54 2.39
C LEU A 235 20.00 4.62 1.33
N SER A 236 20.34 4.23 0.09
CA SER A 236 20.51 5.21 -0.97
C SER A 236 19.22 5.99 -1.21
N VAL A 237 18.09 5.27 -1.31
CA VAL A 237 16.82 5.90 -1.59
C VAL A 237 16.43 6.83 -0.45
N LEU A 238 16.54 6.34 0.79
CA LEU A 238 16.21 7.18 1.95
C LEU A 238 17.10 8.43 2.03
N GLN A 239 18.42 8.27 1.85
CA GLN A 239 19.30 9.45 1.91
C GLN A 239 19.03 10.40 0.76
N ALA A 240 18.70 9.89 -0.43
CA ALA A 240 18.37 10.80 -1.53
C ALA A 240 17.04 11.51 -1.25
N ALA A 241 16.08 10.82 -0.64
CA ALA A 241 14.77 11.40 -0.41
C ALA A 241 14.80 12.45 0.71
N GLY A 242 15.47 12.14 1.82
CA GLY A 242 15.38 13.00 2.98
C GLY A 242 16.70 13.30 3.64
N GLY A 243 17.80 12.84 3.04
CA GLY A 243 19.12 13.05 3.61
C GLY A 243 20.00 13.89 2.72
N ASP A 244 21.28 13.53 2.58
CA ASP A 244 22.23 14.40 1.91
C ASP A 244 22.71 13.85 0.57
N LEU A 245 21.98 12.94 -0.04
CA LEU A 245 22.32 12.51 -1.41
C LEU A 245 21.57 13.35 -2.45
N PRO B 2 6.72 -20.08 4.82
CA PRO B 2 7.03 -21.49 4.60
C PRO B 2 7.27 -21.84 3.13
N ALA B 3 6.69 -21.06 2.22
CA ALA B 3 6.70 -21.42 0.81
C ALA B 3 8.08 -21.26 0.19
N VAL B 4 8.53 -22.29 -0.52
CA VAL B 4 9.80 -22.25 -1.23
C VAL B 4 9.61 -21.48 -2.53
N ARG B 5 10.58 -20.63 -2.86
CA ARG B 5 10.52 -19.90 -4.12
C ARG B 5 11.04 -20.79 -5.24
N THR B 6 10.33 -20.77 -6.37
CA THR B 6 10.66 -21.67 -7.47
C THR B 6 12.00 -21.27 -8.08
N ILE B 7 12.85 -22.27 -8.30
CA ILE B 7 14.12 -22.06 -8.98
C ILE B 7 13.89 -21.56 -10.40
N ARG B 8 14.60 -20.49 -10.78
CA ARG B 8 14.55 -19.91 -12.11
C ARG B 8 15.83 -20.21 -12.88
N ILE B 9 15.69 -20.55 -14.16
CA ILE B 9 16.82 -20.96 -15.00
C ILE B 9 16.64 -20.29 -16.37
N TYR B 10 17.66 -19.59 -16.84
CA TYR B 10 17.61 -18.98 -18.14
C TYR B 10 17.88 -20.03 -19.21
N GLN B 11 16.94 -20.15 -20.18
CA GLN B 11 17.20 -20.96 -21.37
C GLN B 11 16.68 -20.18 -22.56
N PRO B 12 17.52 -19.87 -23.54
CA PRO B 12 17.04 -19.14 -24.72
C PRO B 12 16.12 -20.03 -25.54
N GLY B 13 15.25 -19.38 -26.31
CA GLY B 13 14.41 -20.07 -27.27
C GLY B 13 12.94 -19.83 -27.03
N GLU B 14 12.15 -20.30 -28.00
CA GLU B 14 10.69 -20.27 -27.92
C GLU B 14 10.23 -21.70 -27.71
N TYR B 15 9.22 -21.88 -26.84
CA TYR B 15 8.73 -23.19 -26.44
C TYR B 15 7.22 -23.13 -26.30
N GLN B 16 6.60 -24.29 -26.38
CA GLN B 16 5.16 -24.39 -26.29
C GLN B 16 4.78 -25.35 -25.18
N PRO B 17 3.58 -25.21 -24.61
CA PRO B 17 3.17 -26.16 -23.56
C PRO B 17 3.23 -27.59 -24.08
N GLY B 18 3.60 -28.50 -23.20
CA GLY B 18 3.70 -29.91 -23.55
C GLY B 18 5.03 -30.32 -24.16
N GLN B 19 5.91 -29.37 -24.48
CA GLN B 19 7.17 -29.75 -25.10
C GLN B 19 8.16 -30.27 -24.07
N LEU B 20 9.02 -31.17 -24.52
CA LEU B 20 10.13 -31.67 -23.72
C LEU B 20 11.39 -30.90 -24.11
N LEU B 21 12.09 -30.39 -23.11
CA LEU B 21 13.30 -29.61 -23.33
C LEU B 21 14.45 -30.26 -22.58
N GLU B 22 15.48 -30.66 -23.32
CA GLU B 22 16.75 -31.03 -22.68
C GLU B 22 17.50 -29.75 -22.38
N LEU B 23 17.75 -29.49 -21.10
CA LEU B 23 18.43 -28.26 -20.77
C LEU B 23 19.78 -28.20 -21.43
N SER B 24 20.26 -26.97 -21.70
CA SER B 24 21.60 -26.82 -22.20
C SER B 24 22.57 -27.51 -21.24
N PRO B 25 23.72 -27.98 -21.73
CA PRO B 25 24.67 -28.64 -20.81
C PRO B 25 25.02 -27.78 -19.61
N GLU B 26 25.21 -26.48 -19.80
CA GLU B 26 25.52 -25.61 -18.67
C GLU B 26 24.37 -25.59 -17.66
N ALA B 27 23.14 -25.52 -18.15
CA ALA B 27 21.98 -25.46 -17.24
C ALA B 27 21.73 -26.84 -16.63
N GLY B 28 22.03 -27.91 -17.37
CA GLY B 28 21.88 -29.25 -16.81
C GLY B 28 22.86 -29.48 -15.68
N GLN B 29 24.09 -28.96 -15.84
CA GLN B 29 25.06 -29.00 -14.75
C GLN B 29 24.55 -28.21 -13.54
N HIS B 30 24.08 -26.98 -13.79
CA HIS B 30 23.55 -26.15 -12.71
C HIS B 30 22.39 -26.83 -12.00
N VAL B 31 21.45 -27.40 -12.75
CA VAL B 31 20.23 -27.93 -12.13
C VAL B 31 20.45 -29.31 -11.53
N GLY B 32 21.12 -30.20 -12.26
CA GLY B 32 21.27 -31.56 -11.81
C GLY B 32 22.41 -31.75 -10.82
N VAL B 33 23.51 -31.02 -11.00
CA VAL B 33 24.70 -31.23 -10.20
C VAL B 33 24.85 -30.19 -9.09
N VAL B 34 24.84 -28.90 -9.45
CA VAL B 34 25.02 -27.85 -8.44
C VAL B 34 23.84 -27.81 -7.49
N LEU B 35 22.62 -27.72 -8.03
CA LEU B 35 21.43 -27.67 -7.19
C LEU B 35 20.91 -29.04 -6.78
N ARG B 36 21.39 -30.11 -7.42
CA ARG B 36 21.01 -31.49 -7.06
C ARG B 36 19.51 -31.73 -7.14
N MET B 37 18.85 -31.12 -8.12
CA MET B 37 17.40 -31.26 -8.22
C MET B 37 17.04 -32.62 -8.81
N GLU B 38 15.84 -33.09 -8.48
CA GLU B 38 15.43 -34.45 -8.78
C GLU B 38 14.17 -34.46 -9.63
N GLN B 39 13.93 -35.61 -10.26
CA GLN B 39 12.72 -35.81 -11.05
C GLN B 39 11.49 -35.40 -10.25
N GLY B 40 10.59 -34.65 -10.89
CA GLY B 40 9.37 -34.18 -10.27
C GLY B 40 9.42 -32.76 -9.76
N GLU B 41 10.62 -32.21 -9.53
CA GLU B 41 10.72 -30.86 -9.00
C GLU B 41 10.39 -29.82 -10.07
N GLN B 42 9.89 -28.67 -9.60
CA GLN B 42 9.45 -27.60 -10.48
C GLN B 42 10.59 -26.63 -10.79
N LEU B 43 10.51 -26.02 -11.97
CA LEU B 43 11.44 -24.99 -12.41
C LEU B 43 10.64 -23.96 -13.20
N THR B 44 11.11 -22.72 -13.16
CA THR B 44 10.60 -21.67 -14.02
C THR B 44 11.73 -21.32 -14.97
N LEU B 45 11.60 -21.69 -16.24
CA LEU B 45 12.57 -21.24 -17.22
C LEU B 45 12.15 -19.87 -17.72
N PHE B 46 13.12 -19.07 -18.14
CA PHE B 46 12.80 -17.85 -18.85
C PHE B 46 13.81 -17.68 -19.97
N ASN B 47 13.40 -16.95 -21.01
CA ASN B 47 14.10 -17.02 -22.30
C ASN B 47 14.78 -15.72 -22.70
N GLY B 48 14.86 -14.74 -21.79
CA GLY B 48 15.41 -13.45 -22.12
C GLY B 48 14.48 -12.56 -22.92
N ASP B 49 13.27 -13.01 -23.23
CA ASP B 49 12.31 -12.20 -23.96
C ASP B 49 11.01 -12.10 -23.16
N ASN B 50 11.13 -12.07 -21.82
CA ASN B 50 9.99 -11.79 -20.93
C ASN B 50 8.90 -12.85 -21.03
N LYS B 51 9.28 -14.10 -21.27
N LYS B 51 9.28 -14.10 -21.27
CA LYS B 51 8.40 -15.24 -21.14
CA LYS B 51 8.39 -15.23 -21.13
C LYS B 51 8.93 -16.16 -20.05
C LYS B 51 8.92 -16.16 -20.05
N GLU B 52 8.02 -16.65 -19.21
CA GLU B 52 8.34 -17.63 -18.17
C GLU B 52 7.66 -18.94 -18.53
N PHE B 53 8.41 -20.04 -18.44
CA PHE B 53 7.93 -21.38 -18.80
C PHE B 53 7.88 -22.20 -17.53
N THR B 54 6.68 -22.57 -17.11
CA THR B 54 6.54 -23.42 -15.93
C THR B 54 6.85 -24.84 -16.35
N ALA B 55 7.80 -25.47 -15.66
CA ALA B 55 8.32 -26.75 -16.11
C ALA B 55 8.53 -27.65 -14.90
N SER B 56 8.64 -28.94 -15.18
CA SER B 56 8.99 -29.89 -14.15
C SER B 56 10.05 -30.83 -14.72
N ILE B 57 10.86 -31.36 -13.81
CA ILE B 57 11.95 -32.24 -14.22
C ILE B 57 11.37 -33.62 -14.50
N GLU B 58 11.47 -34.05 -15.75
CA GLU B 58 10.93 -35.35 -16.13
C GLU B 58 11.94 -36.47 -15.99
N ARG B 59 13.23 -36.16 -16.20
N ARG B 59 13.22 -36.16 -16.18
CA ARG B 59 14.25 -37.20 -16.15
CA ARG B 59 14.25 -37.19 -16.14
C ARG B 59 15.60 -36.53 -15.93
C ARG B 59 15.61 -36.52 -15.93
N VAL B 60 16.41 -37.11 -15.05
CA VAL B 60 17.78 -36.68 -14.81
C VAL B 60 18.68 -37.86 -15.13
N LYS B 61 19.39 -37.79 -16.26
CA LYS B 61 20.32 -38.83 -16.68
C LYS B 61 21.73 -38.24 -16.59
N LYS B 62 22.44 -38.56 -15.51
CA LYS B 62 23.76 -37.99 -15.22
C LYS B 62 23.64 -36.48 -15.16
N LYS B 63 24.29 -35.71 -16.03
CA LYS B 63 24.12 -34.26 -16.07
C LYS B 63 23.14 -33.80 -17.14
N GLN B 64 22.50 -34.75 -17.84
CA GLN B 64 21.40 -34.39 -18.73
C GLN B 64 20.14 -34.23 -17.91
N VAL B 65 19.46 -33.11 -18.10
CA VAL B 65 18.19 -32.83 -17.43
C VAL B 65 17.15 -32.59 -18.52
N PHE B 66 16.07 -33.38 -18.51
CA PHE B 66 14.94 -33.21 -19.41
C PHE B 66 13.74 -32.66 -18.64
N VAL B 67 13.20 -31.55 -19.10
CA VAL B 67 12.09 -30.89 -18.40
C VAL B 67 10.88 -30.83 -19.32
N ARG B 68 9.71 -30.96 -18.71
CA ARG B 68 8.45 -30.92 -19.45
C ARG B 68 7.83 -29.55 -19.23
N ILE B 69 7.66 -28.81 -20.32
CA ILE B 69 7.06 -27.48 -20.26
C ILE B 69 5.56 -27.63 -20.08
N ALA B 70 5.02 -27.10 -18.98
CA ALA B 70 3.59 -27.18 -18.74
C ALA B 70 2.83 -25.96 -19.25
N SER B 71 3.39 -24.76 -19.09
CA SER B 71 2.65 -23.57 -19.45
C SER B 71 3.63 -22.42 -19.62
N VAL B 72 3.15 -21.38 -20.31
CA VAL B 72 3.95 -20.21 -20.68
C VAL B 72 3.21 -18.96 -20.24
N LEU B 73 3.95 -17.97 -19.69
CA LEU B 73 3.30 -16.75 -19.21
C LEU B 73 4.20 -15.57 -19.55
N GLU B 74 3.63 -14.51 -20.12
CA GLU B 74 4.41 -13.31 -20.37
C GLU B 74 4.55 -12.53 -19.05
N VAL B 75 5.80 -12.28 -18.65
CA VAL B 75 6.10 -11.60 -17.38
C VAL B 75 7.28 -10.66 -17.60
N ASN B 76 7.07 -9.38 -17.33
CA ASN B 76 8.11 -8.38 -17.59
C ASN B 76 8.40 -7.67 -16.27
N ARG B 77 9.66 -7.70 -15.84
CA ARG B 77 10.08 -7.00 -14.64
C ARG B 77 11.14 -5.96 -14.95
N GLU B 78 11.09 -5.40 -16.16
CA GLU B 78 12.03 -4.38 -16.58
C GLU B 78 11.56 -2.99 -16.17
N SER B 79 12.54 -2.09 -15.87
CA SER B 79 12.21 -0.73 -15.52
C SER B 79 11.92 0.07 -16.79
N PRO B 80 10.95 0.97 -16.75
CA PRO B 80 10.73 1.88 -17.90
C PRO B 80 11.85 2.88 -18.11
N LEU B 81 12.70 3.10 -17.10
CA LEU B 81 13.87 3.94 -17.28
C LEU B 81 15.02 3.03 -17.67
N LYS B 82 15.58 3.21 -18.88
CA LYS B 82 16.68 2.37 -19.36
C LYS B 82 18.00 3.04 -19.04
N ILE B 83 18.71 2.52 -18.07
CA ILE B 83 20.00 3.09 -17.65
C ILE B 83 21.10 2.33 -18.35
N HIS B 84 22.01 3.04 -18.99
CA HIS B 84 23.23 2.49 -19.55
C HIS B 84 24.37 2.92 -18.63
N LEU B 85 24.91 1.97 -17.88
CA LEU B 85 25.99 2.18 -16.93
C LEU B 85 27.31 1.93 -17.63
N ALA B 86 28.23 2.91 -17.55
CA ALA B 86 29.59 2.76 -18.03
C ALA B 86 30.46 2.75 -16.78
N GLN B 87 30.98 1.57 -16.43
CA GLN B 87 31.66 1.37 -15.15
C GLN B 87 33.14 1.20 -15.43
N ALA B 88 33.96 2.07 -14.86
CA ALA B 88 35.40 1.96 -15.09
C ALA B 88 35.93 0.65 -14.52
N ILE B 89 36.86 0.03 -15.24
CA ILE B 89 37.43 -1.23 -14.78
C ILE B 89 38.28 -0.97 -13.53
N SER B 90 38.41 -2.01 -12.70
CA SER B 90 38.96 -1.82 -11.38
C SER B 90 39.73 -3.08 -10.97
N LYS B 91 40.56 -2.93 -9.96
CA LYS B 91 41.32 -4.05 -9.43
C LYS B 91 40.39 -4.98 -8.62
N GLY B 92 40.91 -6.17 -8.31
CA GLY B 92 40.15 -7.13 -7.52
C GLY B 92 38.90 -7.60 -8.26
N GLU B 93 37.84 -7.86 -7.50
CA GLU B 93 36.60 -8.40 -8.04
C GLU B 93 35.44 -7.42 -7.89
N ARG B 94 35.74 -6.14 -7.87
CA ARG B 94 34.69 -5.13 -7.75
C ARG B 94 33.74 -5.16 -8.94
N MET B 95 34.26 -5.44 -10.14
CA MET B 95 33.38 -5.44 -11.31
C MET B 95 32.39 -6.58 -11.21
N GLU B 96 32.79 -7.72 -10.66
CA GLU B 96 31.86 -8.84 -10.55
C GLU B 96 30.68 -8.47 -9.67
N MET B 97 30.94 -7.71 -8.61
CA MET B 97 29.86 -7.23 -7.75
C MET B 97 28.95 -6.27 -8.51
N VAL B 98 29.54 -5.35 -9.28
CA VAL B 98 28.76 -4.38 -10.04
C VAL B 98 27.89 -5.08 -11.06
N MET B 99 28.44 -6.07 -11.78
CA MET B 99 27.65 -6.84 -12.73
C MET B 99 26.43 -7.44 -12.05
N GLN B 100 26.62 -8.09 -10.90
CA GLN B 100 25.49 -8.76 -10.25
C GLN B 100 24.45 -7.75 -9.76
N LYS B 101 24.89 -6.72 -9.03
CA LYS B 101 23.95 -5.82 -8.41
C LYS B 101 23.32 -4.85 -9.40
N SER B 102 24.01 -4.48 -10.48
CA SER B 102 23.39 -3.60 -11.45
C SER B 102 22.25 -4.31 -12.17
N ALA B 103 22.43 -5.62 -12.43
CA ALA B 103 21.35 -6.43 -12.95
C ALA B 103 20.13 -6.44 -12.02
N GLU B 104 20.37 -6.65 -10.72
CA GLU B 104 19.27 -6.61 -9.74
C GLU B 104 18.56 -5.26 -9.75
N LEU B 105 19.34 -4.17 -9.94
CA LEU B 105 18.77 -2.83 -9.97
C LEU B 105 18.19 -2.46 -11.31
N GLY B 106 18.02 -3.44 -12.21
CA GLY B 106 17.33 -3.22 -13.46
C GLY B 106 18.11 -2.50 -14.55
N VAL B 107 19.43 -2.43 -14.44
CA VAL B 107 20.20 -1.73 -15.46
C VAL B 107 19.86 -2.34 -16.83
N ALA B 108 19.79 -1.48 -17.84
CA ALA B 108 19.45 -1.93 -19.18
C ALA B 108 20.68 -2.35 -19.99
N CYS B 109 21.81 -1.70 -19.75
N CYS B 109 21.81 -1.68 -19.79
CA CYS B 109 23.02 -1.89 -20.56
CA CYS B 109 23.02 -1.89 -20.57
C CYS B 109 24.21 -1.58 -19.68
C CYS B 109 24.21 -1.58 -19.69
N ILE B 110 25.29 -2.34 -19.86
CA ILE B 110 26.53 -2.14 -19.09
C ILE B 110 27.69 -2.13 -20.06
N THR B 111 28.54 -1.10 -19.98
CA THR B 111 29.79 -1.05 -20.73
C THR B 111 30.97 -0.99 -19.78
N PRO B 112 31.88 -1.96 -19.80
CA PRO B 112 33.14 -1.79 -19.06
C PRO B 112 33.92 -0.66 -19.70
N LEU B 113 34.41 0.25 -18.88
CA LEU B 113 35.00 1.49 -19.36
C LEU B 113 36.48 1.53 -19.02
N ILE B 114 37.29 1.98 -19.96
CA ILE B 114 38.72 2.21 -19.73
C ILE B 114 38.93 3.71 -19.74
N THR B 115 39.50 4.23 -18.65
CA THR B 115 39.78 5.64 -18.50
C THR B 115 41.23 5.79 -18.07
N GLU B 116 41.69 7.04 -18.04
CA GLU B 116 43.11 7.34 -17.89
C GLU B 116 43.63 6.89 -16.53
N ARG B 117 42.80 7.00 -15.49
CA ARG B 117 43.23 6.73 -14.13
C ARG B 117 42.83 5.35 -13.61
N CYS B 118 42.40 4.43 -14.48
CA CYS B 118 42.11 3.08 -14.01
C CYS B 118 43.38 2.42 -13.50
N GLN B 119 43.23 1.59 -12.47
CA GLN B 119 44.38 0.97 -11.82
C GLN B 119 44.92 -0.25 -12.56
N VAL B 120 44.22 -0.73 -13.59
CA VAL B 120 44.43 -2.08 -14.10
C VAL B 120 44.55 -2.08 -15.61
N LYS B 121 45.10 -3.17 -16.12
CA LYS B 121 45.19 -3.47 -17.54
C LYS B 121 44.84 -4.94 -17.73
N ILE B 122 44.05 -5.21 -18.77
CA ILE B 122 43.60 -6.56 -19.10
C ILE B 122 43.98 -6.85 -20.55
N ASP B 123 44.67 -7.97 -20.77
CA ASP B 123 44.96 -8.39 -22.13
C ASP B 123 43.68 -8.85 -22.83
N LYS B 124 43.77 -9.05 -24.15
CA LYS B 124 42.56 -9.37 -24.92
C LYS B 124 42.01 -10.75 -24.59
N GLU B 125 42.89 -11.74 -24.36
CA GLU B 125 42.38 -13.06 -24.01
C GLU B 125 41.79 -13.08 -22.62
N LYS B 126 42.37 -12.31 -21.69
CA LYS B 126 41.80 -12.21 -20.36
C LYS B 126 40.50 -11.44 -20.38
N MET B 127 40.41 -10.40 -21.22
CA MET B 127 39.16 -9.68 -21.35
C MET B 127 38.06 -10.58 -21.91
N ALA B 128 38.40 -11.44 -22.88
CA ALA B 128 37.38 -12.35 -23.39
C ALA B 128 36.89 -13.28 -22.28
N LYS B 129 37.80 -13.76 -21.43
CA LYS B 129 37.36 -14.60 -20.33
C LYS B 129 36.51 -13.81 -19.36
N LYS B 130 36.91 -12.57 -19.05
CA LYS B 130 36.12 -11.74 -18.13
C LYS B 130 34.73 -11.47 -18.69
N MET B 131 34.63 -11.20 -19.99
CA MET B 131 33.32 -10.94 -20.59
C MET B 131 32.40 -12.17 -20.51
N HIS B 132 32.97 -13.36 -20.70
CA HIS B 132 32.19 -14.59 -20.55
C HIS B 132 31.70 -14.73 -19.11
N GLN B 133 32.62 -14.51 -18.15
CA GLN B 133 32.28 -14.66 -16.74
C GLN B 133 31.27 -13.62 -16.31
N TRP B 134 31.44 -12.38 -16.79
CA TRP B 134 30.52 -11.30 -16.42
C TRP B 134 29.14 -11.53 -17.00
N LEU B 135 29.05 -12.05 -18.24
CA LEU B 135 27.74 -12.40 -18.79
C LEU B 135 27.07 -13.45 -17.92
N ASN B 136 27.83 -14.46 -17.49
CA ASN B 136 27.23 -15.49 -16.66
C ASN B 136 26.77 -14.94 -15.30
N ILE B 137 27.49 -13.97 -14.74
CA ILE B 137 27.06 -13.35 -13.49
C ILE B 137 25.75 -12.59 -13.69
N ILE B 138 25.63 -11.87 -14.82
CA ILE B 138 24.41 -11.15 -15.10
C ILE B 138 23.25 -12.11 -15.26
N ILE B 139 23.47 -13.20 -16.00
CA ILE B 139 22.40 -14.19 -16.18
C ILE B 139 21.97 -14.77 -14.83
N GLY B 140 22.96 -15.11 -13.99
CA GLY B 140 22.65 -15.62 -12.67
C GLY B 140 21.86 -14.62 -11.86
N ALA B 141 22.19 -13.34 -11.97
CA ALA B 141 21.48 -12.31 -11.21
C ALA B 141 20.04 -12.15 -11.72
N CYS B 142 19.83 -12.32 -13.03
CA CYS B 142 18.46 -12.30 -13.53
C CYS B 142 17.68 -13.50 -13.04
N GLU B 143 18.33 -14.66 -12.97
CA GLU B 143 17.67 -15.83 -12.39
C GLU B 143 17.24 -15.53 -10.96
N GLN B 144 18.13 -14.89 -10.18
CA GLN B 144 17.83 -14.61 -8.77
C GLN B 144 16.77 -13.52 -8.59
N CYS B 145 16.82 -12.45 -9.38
CA CYS B 145 16.00 -11.28 -9.09
C CYS B 145 14.65 -11.28 -9.81
N GLY B 146 14.46 -12.14 -10.80
CA GLY B 146 13.18 -12.22 -11.49
C GLY B 146 13.11 -11.51 -12.83
N ARG B 147 14.19 -10.86 -13.28
CA ARG B 147 14.18 -10.27 -14.60
C ARG B 147 14.16 -11.39 -15.63
N ASN B 148 13.31 -11.21 -16.64
CA ASN B 148 13.18 -12.20 -17.70
C ASN B 148 13.78 -11.70 -19.02
N GLN B 149 14.58 -10.65 -18.93
CA GLN B 149 15.32 -10.09 -20.04
C GLN B 149 16.71 -9.84 -19.46
N ILE B 150 17.74 -10.15 -20.25
CA ILE B 150 19.12 -10.01 -19.81
C ILE B 150 19.63 -8.63 -20.20
N PRO B 151 20.25 -7.87 -19.29
CA PRO B 151 20.85 -6.59 -19.67
C PRO B 151 21.85 -6.79 -20.80
N GLU B 152 21.98 -5.78 -21.65
CA GLU B 152 23.02 -5.80 -22.68
C GLU B 152 24.38 -5.58 -22.03
N LEU B 153 25.34 -6.46 -22.33
CA LEU B 153 26.70 -6.30 -21.86
C LEU B 153 27.51 -5.93 -23.10
N ARG B 154 28.00 -4.71 -23.12
CA ARG B 154 28.71 -4.19 -24.28
C ARG B 154 30.21 -4.48 -24.15
N GLN B 155 30.87 -4.50 -25.30
CA GLN B 155 32.32 -4.67 -25.32
C GLN B 155 32.98 -3.48 -24.64
N PRO B 156 34.09 -3.69 -23.92
CA PRO B 156 34.79 -2.56 -23.28
C PRO B 156 35.22 -1.53 -24.30
N VAL B 157 35.16 -0.25 -23.91
CA VAL B 157 35.62 0.83 -24.76
C VAL B 157 36.32 1.87 -23.90
N TYR B 158 37.15 2.68 -24.55
CA TYR B 158 37.73 3.84 -23.88
C TYR B 158 36.70 4.95 -23.75
N LEU B 159 36.97 5.86 -22.83
CA LEU B 159 36.02 6.93 -22.52
C LEU B 159 35.66 7.75 -23.75
N ASP B 160 36.63 8.03 -24.62
CA ASP B 160 36.33 8.88 -25.77
C ASP B 160 35.34 8.21 -26.71
N GLN B 161 35.50 6.91 -26.96
CA GLN B 161 34.50 6.20 -27.75
C GLN B 161 33.14 6.21 -27.07
N PHE B 162 33.11 6.04 -25.75
CA PHE B 162 31.82 5.99 -25.06
C PHE B 162 31.07 7.31 -25.19
N VAL B 163 31.75 8.44 -24.95
CA VAL B 163 31.05 9.71 -25.03
C VAL B 163 30.68 10.05 -26.48
N ARG B 164 31.49 9.61 -27.46
CA ARG B 164 31.19 9.91 -28.85
C ARG B 164 29.90 9.20 -29.29
N GLU B 165 29.68 7.99 -28.80
CA GLU B 165 28.57 7.17 -29.26
C GLU B 165 27.30 7.31 -28.42
N ALA B 166 27.39 7.89 -27.22
CA ALA B 166 26.25 7.92 -26.31
C ALA B 166 25.14 8.78 -26.90
N LYS B 167 23.94 8.19 -27.03
CA LYS B 167 22.80 8.91 -27.56
C LYS B 167 21.64 8.99 -26.56
N GLU B 168 21.86 8.58 -25.32
CA GLU B 168 20.82 8.64 -24.30
C GLU B 168 20.36 10.09 -24.07
N HIS B 169 19.08 10.25 -23.71
CA HIS B 169 18.51 11.59 -23.58
C HIS B 169 19.09 12.36 -22.42
N LEU B 170 19.45 11.67 -21.34
CA LEU B 170 20.08 12.27 -20.18
C LEU B 170 21.44 11.62 -20.01
N LYS B 171 22.48 12.43 -19.84
CA LYS B 171 23.84 11.92 -19.77
C LYS B 171 24.51 12.48 -18.52
N LEU B 172 24.89 11.59 -17.61
CA LEU B 172 25.41 11.99 -16.31
C LEU B 172 26.77 11.35 -16.08
N ILE B 173 27.59 12.05 -15.30
CA ILE B 173 28.88 11.51 -14.90
C ILE B 173 29.05 11.80 -13.41
N LEU B 174 29.48 10.79 -12.66
N LEU B 174 29.46 10.79 -12.65
CA LEU B 174 29.74 10.97 -11.22
CA LEU B 174 29.76 10.97 -11.23
C LEU B 174 31.07 11.69 -11.08
C LEU B 174 31.08 11.70 -11.11
N HIS B 175 31.00 13.01 -10.83
CA HIS B 175 32.20 13.82 -10.69
C HIS B 175 31.84 15.05 -9.86
N PRO B 176 32.70 15.47 -8.95
CA PRO B 176 32.30 16.50 -7.98
C PRO B 176 32.26 17.91 -8.54
N ALA B 177 33.17 18.24 -9.46
CA ALA B 177 33.29 19.62 -9.92
C ALA B 177 32.00 20.09 -10.58
N PHE B 178 31.44 21.17 -10.04
CA PHE B 178 30.20 21.78 -10.53
C PHE B 178 29.04 20.81 -10.51
N SER B 179 29.11 19.81 -9.63
CA SER B 179 28.08 18.78 -9.58
C SER B 179 26.75 19.36 -9.11
N LYS B 180 25.68 18.69 -9.54
CA LYS B 180 24.32 18.92 -9.04
C LYS B 180 23.77 17.58 -8.57
N THR B 181 22.71 17.62 -7.76
CA THR B 181 22.16 16.38 -7.24
C THR B 181 21.07 15.88 -8.17
N TRP B 182 20.53 14.71 -7.84
CA TRP B 182 19.49 14.10 -8.66
C TRP B 182 18.29 15.02 -8.83
N ARG B 183 18.06 15.93 -7.87
CA ARG B 183 16.90 16.80 -7.94
C ARG B 183 16.98 17.81 -9.07
N ASP B 184 18.17 18.08 -9.59
CA ASP B 184 18.37 19.11 -10.60
C ASP B 184 18.39 18.56 -12.02
N TYR B 185 18.21 17.26 -12.19
CA TYR B 185 18.25 16.68 -13.53
C TYR B 185 16.92 16.00 -13.84
N PRO B 186 16.50 16.00 -15.11
CA PRO B 186 15.24 15.34 -15.53
C PRO B 186 15.39 13.83 -15.63
N VAL B 187 15.45 13.17 -14.47
CA VAL B 187 15.60 11.72 -14.41
C VAL B 187 14.22 11.12 -14.67
N GLN B 188 14.01 10.65 -15.90
CA GLN B 188 12.73 10.14 -16.36
C GLN B 188 12.98 9.36 -17.63
N PRO B 189 12.07 8.47 -18.00
CA PRO B 189 12.23 7.75 -19.27
C PRO B 189 12.35 8.73 -20.42
N PRO B 190 12.98 8.33 -21.54
CA PRO B 190 13.34 6.94 -21.87
C PRO B 190 14.61 6.38 -21.22
N ASP B 191 15.70 7.13 -21.21
CA ASP B 191 16.99 6.51 -20.96
C ASP B 191 17.97 7.50 -20.33
N VAL B 192 19.02 6.94 -19.77
CA VAL B 192 20.07 7.73 -19.13
C VAL B 192 21.38 6.97 -19.28
N ALA B 193 22.44 7.71 -19.62
CA ALA B 193 23.81 7.18 -19.62
C ALA B 193 24.48 7.70 -18.37
N LEU B 194 25.13 6.81 -17.63
CA LEU B 194 25.80 7.17 -16.39
C LEU B 194 27.22 6.65 -16.44
N ILE B 195 28.19 7.56 -16.31
CA ILE B 195 29.61 7.23 -16.25
C ILE B 195 30.04 7.21 -14.79
N ILE B 196 30.55 6.08 -14.33
CA ILE B 196 31.23 5.97 -13.04
C ILE B 196 32.69 5.73 -13.32
N GLY B 197 33.54 6.66 -12.89
CA GLY B 197 34.97 6.53 -13.11
C GLY B 197 35.66 5.73 -12.03
N PRO B 198 36.98 5.63 -12.14
CA PRO B 198 37.76 4.92 -11.13
C PRO B 198 37.89 5.78 -9.88
N GLU B 199 38.41 5.16 -8.83
CA GLU B 199 38.56 5.85 -7.56
C GLU B 199 39.43 7.09 -7.69
N GLY B 200 40.41 7.09 -8.57
CA GLY B 200 41.24 8.27 -8.76
C GLY B 200 40.64 9.38 -9.58
N GLY B 201 39.44 9.21 -10.13
CA GLY B 201 38.75 10.29 -10.81
C GLY B 201 39.08 10.38 -12.29
N PHE B 202 38.92 11.60 -12.83
CA PHE B 202 39.12 11.87 -14.24
C PHE B 202 40.12 13.01 -14.41
N SER B 203 40.91 12.94 -15.49
CA SER B 203 41.83 14.02 -15.80
C SER B 203 41.07 15.23 -16.34
N ASP B 204 41.73 16.38 -16.35
CA ASP B 204 41.11 17.59 -16.87
C ASP B 204 40.70 17.41 -18.32
N GLU B 205 41.51 16.71 -19.11
CA GLU B 205 41.20 16.49 -20.51
C GLU B 205 40.00 15.57 -20.67
N GLU B 206 39.88 14.56 -19.80
CA GLU B 206 38.71 13.69 -19.85
C GLU B 206 37.44 14.47 -19.56
N ILE B 207 37.49 15.38 -18.58
CA ILE B 207 36.30 16.14 -18.22
C ILE B 207 35.93 17.11 -19.34
N ARG B 208 36.93 17.67 -20.02
CA ARG B 208 36.65 18.48 -21.20
C ARG B 208 35.94 17.65 -22.26
N LEU B 209 36.34 16.38 -22.38
CA LEU B 209 35.73 15.49 -23.36
C LEU B 209 34.30 15.11 -22.95
N THR B 210 34.11 14.74 -21.68
CA THR B 210 32.77 14.37 -21.21
C THR B 210 31.83 15.57 -21.24
N SER B 211 32.27 16.72 -20.73
CA SER B 211 31.39 17.89 -20.72
C SER B 211 31.11 18.39 -22.13
N GLY B 212 32.09 18.29 -23.03
CA GLY B 212 31.87 18.67 -24.42
C GLY B 212 30.88 17.78 -25.14
N HIS B 213 30.66 16.57 -24.64
CA HIS B 213 29.62 15.69 -25.18
C HIS B 213 28.34 15.71 -24.36
N GLY B 214 28.19 16.69 -23.46
CA GLY B 214 26.93 16.87 -22.75
C GLY B 214 26.73 16.03 -21.51
N PHE B 215 27.78 15.37 -21.00
CA PHE B 215 27.67 14.65 -19.74
C PHE B 215 27.70 15.63 -18.58
N LEU B 216 26.66 15.58 -17.75
CA LEU B 216 26.47 16.55 -16.67
C LEU B 216 26.86 15.92 -15.33
N PRO B 217 27.55 16.68 -14.47
CA PRO B 217 28.14 16.09 -13.26
C PRO B 217 27.12 15.86 -12.16
N LEU B 218 27.13 14.66 -11.59
CA LEU B 218 26.21 14.25 -10.54
C LEU B 218 26.98 13.99 -9.26
N SER B 219 26.41 14.45 -8.14
CA SER B 219 26.95 14.11 -6.82
C SER B 219 26.05 13.08 -6.16
N LEU B 220 26.63 12.38 -5.16
CA LEU B 220 25.91 11.40 -4.37
C LEU B 220 26.36 11.52 -2.90
N GLY B 221 26.23 12.71 -2.35
CA GLY B 221 26.54 12.96 -0.95
C GLY B 221 27.98 13.37 -0.66
N PRO B 222 28.25 13.72 0.59
CA PRO B 222 29.57 14.24 0.96
C PRO B 222 30.60 13.19 1.34
N ARG B 223 30.23 11.91 1.36
CA ARG B 223 31.15 10.83 1.72
C ARG B 223 31.66 10.16 0.46
N VAL B 224 32.94 9.84 0.46
CA VAL B 224 33.52 9.23 -0.74
C VAL B 224 33.07 7.79 -0.78
N LEU B 225 32.39 7.41 -1.87
CA LEU B 225 31.92 6.05 -2.02
C LEU B 225 32.96 5.23 -2.77
N ARG B 226 33.14 3.99 -2.33
CA ARG B 226 33.83 3.03 -3.18
C ARG B 226 33.16 2.94 -4.55
N THR B 227 33.93 2.56 -5.57
N THR B 227 33.93 2.61 -5.58
CA THR B 227 33.44 2.58 -6.94
CA THR B 227 33.38 2.60 -6.94
C THR B 227 32.29 1.59 -7.17
C THR B 227 32.20 1.65 -7.06
N GLU B 228 32.28 0.46 -6.45
CA GLU B 228 31.17 -0.47 -6.54
C GLU B 228 29.98 0.02 -5.75
N THR B 229 30.21 0.69 -4.62
CA THR B 229 29.09 1.27 -3.91
C THR B 229 28.44 2.35 -4.74
N ALA B 230 29.25 3.19 -5.37
CA ALA B 230 28.75 4.30 -6.16
C ALA B 230 27.85 3.82 -7.29
N ALA B 231 28.26 2.77 -8.01
CA ALA B 231 27.40 2.22 -9.05
C ALA B 231 26.04 1.86 -8.51
N ILE B 232 26.00 1.12 -7.40
CA ILE B 232 24.71 0.62 -6.95
C ILE B 232 23.89 1.74 -6.31
N THR B 233 24.54 2.69 -5.63
CA THR B 233 23.84 3.85 -5.11
C THR B 233 23.25 4.70 -6.22
N ALA B 234 24.02 4.94 -7.29
CA ALA B 234 23.52 5.76 -8.38
C ALA B 234 22.33 5.10 -9.07
N LEU B 235 22.46 3.79 -9.35
CA LEU B 235 21.34 3.09 -9.97
C LEU B 235 20.10 3.12 -9.10
N SER B 236 20.27 2.97 -7.78
CA SER B 236 19.11 3.03 -6.88
C SER B 236 18.45 4.40 -6.93
N VAL B 237 19.27 5.45 -6.86
CA VAL B 237 18.71 6.79 -6.85
C VAL B 237 18.03 7.11 -8.17
N LEU B 238 18.66 6.72 -9.29
CA LEU B 238 18.07 6.99 -10.60
C LEU B 238 16.80 6.18 -10.82
N GLN B 239 16.77 4.92 -10.39
CA GLN B 239 15.56 4.12 -10.54
C GLN B 239 14.44 4.63 -9.65
N ALA B 240 14.79 5.15 -8.48
CA ALA B 240 13.72 5.72 -7.64
C ALA B 240 13.19 7.01 -8.24
N ALA B 241 14.08 7.87 -8.75
CA ALA B 241 13.66 9.16 -9.27
C ALA B 241 12.89 9.03 -10.57
N GLY B 242 13.31 8.14 -11.47
CA GLY B 242 12.70 8.09 -12.78
C GLY B 242 12.27 6.72 -13.27
N GLY B 243 12.48 5.69 -12.45
CA GLY B 243 12.17 4.34 -12.85
C GLY B 243 11.14 3.71 -11.94
N ASP B 244 11.33 2.45 -11.58
CA ASP B 244 10.26 1.69 -10.94
C ASP B 244 10.54 1.36 -9.48
N LEU B 245 11.43 2.09 -8.82
CA LEU B 245 11.54 1.95 -7.38
C LEU B 245 10.64 2.95 -6.68
N PRO C 2 -21.24 29.79 6.17
CA PRO C 2 -21.29 28.64 7.09
C PRO C 2 -19.90 28.09 7.40
N ALA C 3 -19.85 27.03 8.20
CA ALA C 3 -18.58 26.46 8.61
C ALA C 3 -17.88 25.78 7.44
N VAL C 4 -16.57 25.98 7.36
CA VAL C 4 -15.73 25.36 6.33
C VAL C 4 -14.79 24.40 7.05
N ARG C 5 -15.05 23.10 6.90
CA ARG C 5 -14.29 22.09 7.62
C ARG C 5 -12.85 22.06 7.13
N THR C 6 -11.89 22.02 8.07
CA THR C 6 -10.49 22.04 7.69
C THR C 6 -10.13 20.75 6.96
N ILE C 7 -9.40 20.87 5.84
CA ILE C 7 -8.94 19.71 5.10
C ILE C 7 -8.01 18.87 5.96
N ARG C 8 -8.25 17.56 5.97
CA ARG C 8 -7.47 16.59 6.70
C ARG C 8 -6.62 15.77 5.75
N ILE C 9 -5.35 15.57 6.12
CA ILE C 9 -4.41 14.82 5.29
C ILE C 9 -3.66 13.83 6.18
N TYR C 10 -3.62 12.57 5.77
CA TYR C 10 -2.87 11.56 6.50
C TYR C 10 -1.39 11.69 6.18
N GLN C 11 -0.55 11.88 7.25
CA GLN C 11 0.89 11.77 7.09
C GLN C 11 1.45 10.97 8.24
N PRO C 12 2.14 9.85 7.97
CA PRO C 12 2.70 9.06 9.05
C PRO C 12 3.88 9.81 9.70
N GLY C 13 4.12 9.48 10.96
CA GLY C 13 5.28 10.01 11.66
C GLY C 13 4.88 10.75 12.92
N GLU C 14 5.91 11.06 13.71
CA GLU C 14 5.80 11.92 14.90
C GLU C 14 6.40 13.28 14.59
N TYR C 15 5.74 14.34 15.07
CA TYR C 15 6.14 15.72 14.79
C TYR C 15 5.94 16.55 16.04
N GLN C 16 6.66 17.67 16.10
CA GLN C 16 6.55 18.59 17.22
C GLN C 16 6.14 19.96 16.73
N PRO C 17 5.53 20.78 17.59
CA PRO C 17 5.20 22.15 17.17
C PRO C 17 6.44 22.88 16.69
N GLY C 18 6.26 23.69 15.65
CA GLY C 18 7.34 24.46 15.09
C GLY C 18 8.11 23.77 13.99
N GLN C 19 7.89 22.47 13.78
CA GLN C 19 8.61 21.76 12.75
C GLN C 19 8.05 22.07 11.37
N LEU C 20 8.93 22.06 10.37
CA LEU C 20 8.57 22.17 8.98
C LEU C 20 8.51 20.77 8.40
N LEU C 21 7.41 20.47 7.71
CA LEU C 21 7.21 19.15 7.13
C LEU C 21 6.98 19.31 5.63
N GLU C 22 7.85 18.71 4.83
CA GLU C 22 7.55 18.56 3.41
C GLU C 22 6.60 17.36 3.29
N LEU C 23 5.39 17.61 2.81
CA LEU C 23 4.46 16.50 2.62
C LEU C 23 5.08 15.44 1.73
N SER C 24 4.65 14.18 1.95
CA SER C 24 5.04 13.09 1.04
C SER C 24 4.66 13.50 -0.37
N PRO C 25 5.34 12.99 -1.39
CA PRO C 25 4.96 13.36 -2.76
C PRO C 25 3.50 13.11 -3.06
N GLU C 26 2.93 12.01 -2.56
CA GLU C 26 1.52 11.73 -2.83
C GLU C 26 0.63 12.79 -2.20
N ALA C 27 0.94 13.19 -0.96
CA ALA C 27 0.13 14.20 -0.30
C ALA C 27 0.38 15.59 -0.88
N GLY C 28 1.61 15.87 -1.30
CA GLY C 28 1.87 17.11 -2.01
C GLY C 28 1.07 17.20 -3.30
N GLN C 29 0.94 16.08 -4.01
CA GLN C 29 0.07 16.04 -5.18
C GLN C 29 -1.39 16.32 -4.81
N HIS C 30 -1.90 15.64 -3.78
CA HIS C 30 -3.27 15.85 -3.34
C HIS C 30 -3.49 17.32 -2.99
N VAL C 31 -2.59 17.90 -2.19
CA VAL C 31 -2.83 19.22 -1.64
C VAL C 31 -2.58 20.33 -2.66
N GLY C 32 -1.44 20.27 -3.36
CA GLY C 32 -1.07 21.38 -4.21
C GLY C 32 -1.70 21.35 -5.59
N VAL C 33 -1.98 20.17 -6.12
CA VAL C 33 -2.47 20.01 -7.48
C VAL C 33 -3.95 19.64 -7.52
N VAL C 34 -4.34 18.60 -6.80
CA VAL C 34 -5.74 18.18 -6.79
C VAL C 34 -6.61 19.22 -6.10
N LEU C 35 -6.25 19.60 -4.86
CA LEU C 35 -7.02 20.58 -4.12
C LEU C 35 -6.65 22.02 -4.44
N ARG C 36 -5.53 22.23 -5.13
CA ARG C 36 -5.09 23.57 -5.51
C ARG C 36 -4.95 24.52 -4.33
N MET C 37 -4.52 23.99 -3.18
CA MET C 37 -4.36 24.83 -2.01
C MET C 37 -3.09 25.67 -2.10
N GLU C 38 -3.11 26.82 -1.44
CA GLU C 38 -2.10 27.85 -1.59
C GLU C 38 -1.46 28.18 -0.24
N GLN C 39 -0.32 28.87 -0.33
CA GLN C 39 0.42 29.29 0.86
C GLN C 39 -0.49 30.03 1.83
N GLY C 40 -0.38 29.68 3.10
CA GLY C 40 -1.16 30.30 4.15
C GLY C 40 -2.41 29.54 4.54
N GLU C 41 -2.87 28.60 3.71
CA GLU C 41 -4.07 27.85 4.03
C GLU C 41 -3.79 26.80 5.11
N GLN C 42 -4.85 26.44 5.84
CA GLN C 42 -4.71 25.53 6.98
C GLN C 42 -4.97 24.09 6.59
N LEU C 43 -4.33 23.18 7.31
CA LEU C 43 -4.53 21.74 7.17
C LEU C 43 -4.49 21.11 8.55
N THR C 44 -5.19 20.01 8.69
CA THR C 44 -5.06 19.11 9.83
C THR C 44 -4.39 17.85 9.34
N LEU C 45 -3.13 17.65 9.69
CA LEU C 45 -2.50 16.38 9.40
C LEU C 45 -2.85 15.42 10.53
N PHE C 46 -2.92 14.13 10.22
CA PHE C 46 -3.01 13.13 11.26
C PHE C 46 -2.15 11.94 10.86
N ASN C 47 -1.70 11.17 11.87
CA ASN C 47 -0.57 10.28 11.68
C ASN C 47 -0.92 8.80 11.82
N GLY C 48 -2.22 8.47 11.91
CA GLY C 48 -2.61 7.09 12.11
C GLY C 48 -2.46 6.60 13.53
N ASP C 49 -2.00 7.45 14.45
CA ASP C 49 -1.89 7.07 15.84
C ASP C 49 -2.64 8.06 16.72
N ASN C 50 -3.74 8.60 16.18
CA ASN C 50 -4.68 9.42 16.96
C ASN C 50 -4.08 10.74 17.44
N LYS C 51 -3.20 11.30 16.62
N LYS C 51 -3.26 11.33 16.59
CA LYS C 51 -2.72 12.66 16.81
CA LYS C 51 -2.72 12.66 16.81
C LYS C 51 -3.11 13.50 15.60
C LYS C 51 -3.04 13.53 15.60
N GLU C 52 -3.59 14.72 15.86
CA GLU C 52 -3.87 15.72 14.84
C GLU C 52 -2.86 16.85 14.95
N PHE C 53 -2.32 17.25 13.82
CA PHE C 53 -1.30 18.30 13.74
C PHE C 53 -1.92 19.47 13.01
N THR C 54 -2.11 20.58 13.69
CA THR C 54 -2.61 21.76 13.04
C THR C 54 -1.46 22.42 12.29
N ALA C 55 -1.63 22.63 10.99
CA ALA C 55 -0.53 23.09 10.16
C ALA C 55 -1.03 24.17 9.21
N SER C 56 -0.08 24.93 8.68
CA SER C 56 -0.41 25.86 7.60
C SER C 56 0.61 25.66 6.49
N ILE C 57 0.17 25.94 5.27
CA ILE C 57 1.03 25.77 4.10
C ILE C 57 2.01 26.94 4.08
N GLU C 58 3.30 26.63 4.24
CA GLU C 58 4.31 27.66 4.23
C GLU C 58 4.83 27.96 2.83
N ARG C 59 4.83 26.95 1.95
CA ARG C 59 5.38 27.14 0.62
C ARG C 59 4.84 26.05 -0.30
N VAL C 60 4.49 26.42 -1.52
CA VAL C 60 4.20 25.47 -2.58
C VAL C 60 5.18 25.71 -3.71
N LYS C 61 5.64 24.62 -4.32
CA LYS C 61 6.56 24.63 -5.45
C LYS C 61 6.09 23.48 -6.34
N LYS C 62 5.10 23.79 -7.18
CA LYS C 62 4.31 22.81 -7.93
C LYS C 62 3.83 21.65 -7.06
N LYS C 63 4.48 20.49 -7.18
CA LYS C 63 4.04 19.31 -6.44
C LYS C 63 4.58 19.27 -5.00
N GLN C 64 5.58 20.08 -4.69
CA GLN C 64 6.17 20.10 -3.36
C GLN C 64 5.37 21.05 -2.47
N VAL C 65 4.94 20.55 -1.32
CA VAL C 65 4.21 21.36 -0.35
C VAL C 65 4.93 21.27 1.00
N PHE C 66 5.30 22.43 1.55
CA PHE C 66 5.96 22.51 2.85
C PHE C 66 4.98 23.14 3.84
N VAL C 67 4.75 22.46 4.97
CA VAL C 67 3.76 22.93 5.94
C VAL C 67 4.45 23.13 7.27
N ARG C 68 4.01 24.14 8.00
CA ARG C 68 4.56 24.47 9.31
C ARG C 68 3.61 23.93 10.37
N ILE C 69 4.11 23.01 11.20
CA ILE C 69 3.31 22.42 12.26
C ILE C 69 3.16 23.43 13.38
N ALA C 70 1.93 23.81 13.70
CA ALA C 70 1.71 24.76 14.78
C ALA C 70 1.44 24.10 16.11
N SER C 71 0.63 23.05 16.13
CA SER C 71 0.25 22.44 17.39
C SER C 71 -0.18 21.01 17.16
N VAL C 72 -0.17 20.24 18.26
CA VAL C 72 -0.48 18.82 18.22
C VAL C 72 -1.57 18.52 19.24
N LEU C 73 -2.55 17.70 18.87
CA LEU C 73 -3.65 17.40 19.78
C LEU C 73 -3.98 15.93 19.66
N GLU C 74 -4.14 15.28 20.80
N GLU C 74 -4.13 15.25 20.80
CA GLU C 74 -4.56 13.88 20.84
CA GLU C 74 -4.53 13.85 20.79
C GLU C 74 -6.08 13.81 20.61
C GLU C 74 -6.05 13.76 20.62
N VAL C 75 -6.50 13.12 19.54
CA VAL C 75 -7.91 13.04 19.17
C VAL C 75 -8.20 11.63 18.65
N ASN C 76 -9.12 10.92 19.32
CA ASN C 76 -9.42 9.53 18.99
C ASN C 76 -10.91 9.44 18.64
N ARG C 77 -11.21 8.96 17.42
CA ARG C 77 -12.60 8.80 16.97
C ARG C 77 -12.88 7.34 16.65
N GLU C 78 -12.17 6.43 17.31
CA GLU C 78 -12.35 5.01 17.10
C GLU C 78 -13.47 4.51 18.00
N SER C 79 -14.16 3.48 17.53
CA SER C 79 -15.20 2.83 18.33
C SER C 79 -14.58 1.83 19.30
N PRO C 80 -15.13 1.73 20.50
CA PRO C 80 -14.66 0.71 21.45
C PRO C 80 -14.97 -0.70 21.02
N LEU C 81 -15.91 -0.88 20.09
CA LEU C 81 -16.21 -2.19 19.55
C LEU C 81 -15.36 -2.36 18.30
N LYS C 82 -14.46 -3.32 18.32
N LYS C 82 -14.44 -3.31 18.32
CA LYS C 82 -13.55 -3.55 17.19
CA LYS C 82 -13.55 -3.53 17.18
C LYS C 82 -14.14 -4.63 16.30
C LYS C 82 -14.13 -4.62 16.30
N ILE C 83 -14.62 -4.22 15.12
CA ILE C 83 -15.26 -5.15 14.18
C ILE C 83 -14.21 -5.55 13.15
N HIS C 84 -14.06 -6.85 12.96
CA HIS C 84 -13.24 -7.38 11.87
C HIS C 84 -14.20 -7.89 10.80
N LEU C 85 -14.28 -7.17 9.69
CA LEU C 85 -15.16 -7.50 8.59
C LEU C 85 -14.41 -8.35 7.58
N ALA C 86 -14.97 -9.51 7.25
CA ALA C 86 -14.43 -10.38 6.22
C ALA C 86 -15.45 -10.34 5.10
N GLN C 87 -15.12 -9.61 4.03
CA GLN C 87 -16.07 -9.31 2.96
C GLN C 87 -15.68 -10.12 1.73
N ALA C 88 -16.61 -10.97 1.26
CA ALA C 88 -16.33 -11.76 0.06
C ALA C 88 -16.08 -10.86 -1.13
N ILE C 89 -15.07 -11.21 -1.93
CA ILE C 89 -14.78 -10.44 -3.13
C ILE C 89 -15.95 -10.55 -4.11
N SER C 90 -16.08 -9.55 -4.98
CA SER C 90 -17.26 -9.45 -5.81
C SER C 90 -16.92 -8.77 -7.13
N LYS C 91 -17.86 -8.85 -8.06
CA LYS C 91 -17.66 -8.24 -9.36
C LYS C 91 -17.84 -6.73 -9.29
N GLY C 92 -17.37 -6.05 -10.32
CA GLY C 92 -17.52 -4.61 -10.40
C GLY C 92 -16.69 -3.89 -9.35
N GLU C 93 -17.25 -2.78 -8.86
CA GLU C 93 -16.55 -1.91 -7.90
C GLU C 93 -17.24 -1.88 -6.54
N ARG C 94 -17.93 -2.96 -6.18
CA ARG C 94 -18.62 -3.04 -4.90
C ARG C 94 -17.64 -3.01 -3.73
N MET C 95 -16.49 -3.67 -3.88
CA MET C 95 -15.54 -3.68 -2.78
C MET C 95 -15.01 -2.30 -2.50
N GLU C 96 -14.86 -1.48 -3.54
CA GLU C 96 -14.36 -0.12 -3.30
C GLU C 96 -15.34 0.67 -2.44
N MET C 97 -16.65 0.45 -2.65
N MET C 97 -16.64 0.44 -2.63
CA MET C 97 -17.66 1.07 -1.78
CA MET C 97 -17.65 1.07 -1.79
C MET C 97 -17.53 0.57 -0.35
C MET C 97 -17.56 0.57 -0.36
N VAL C 98 -17.41 -0.75 -0.18
CA VAL C 98 -17.29 -1.34 1.15
C VAL C 98 -16.08 -0.79 1.88
N MET C 99 -14.93 -0.72 1.19
CA MET C 99 -13.74 -0.15 1.81
C MET C 99 -14.00 1.24 2.37
N GLN C 100 -14.61 2.12 1.55
CA GLN C 100 -14.85 3.49 2.01
C GLN C 100 -15.85 3.56 3.15
N LYS C 101 -16.99 2.91 2.98
CA LYS C 101 -18.04 3.10 3.96
C LYS C 101 -17.76 2.32 5.23
N SER C 102 -17.04 1.20 5.14
CA SER C 102 -16.71 0.48 6.36
C SER C 102 -15.74 1.29 7.22
N ALA C 103 -14.82 2.00 6.57
CA ALA C 103 -13.95 2.88 7.33
C ALA C 103 -14.74 4.00 8.01
N GLU C 104 -15.71 4.59 7.29
CA GLU C 104 -16.57 5.61 7.91
C GLU C 104 -17.35 5.05 9.10
N LEU C 105 -17.75 3.78 9.03
N LEU C 105 -17.75 3.78 9.03
CA LEU C 105 -18.48 3.12 10.11
CA LEU C 105 -18.48 3.16 10.13
C LEU C 105 -17.57 2.58 11.19
C LEU C 105 -17.57 2.58 11.19
N GLY C 106 -16.29 2.97 11.21
CA GLY C 106 -15.42 2.62 12.31
C GLY C 106 -14.85 1.23 12.29
N VAL C 107 -14.93 0.52 11.17
CA VAL C 107 -14.44 -0.85 11.13
C VAL C 107 -12.97 -0.89 11.59
N ALA C 108 -12.63 -1.90 12.39
CA ALA C 108 -11.26 -1.99 12.90
C ALA C 108 -10.32 -2.71 11.94
N CYS C 109 -10.82 -3.73 11.22
N CYS C 109 -10.79 -3.77 11.28
CA CYS C 109 -9.99 -4.59 10.40
CA CYS C 109 -9.97 -4.57 10.39
C CYS C 109 -10.85 -5.09 9.25
C CYS C 109 -10.85 -5.07 9.25
N ILE C 110 -10.25 -5.26 8.08
CA ILE C 110 -10.97 -5.71 6.89
C ILE C 110 -10.15 -6.81 6.24
N THR C 111 -10.77 -7.96 5.99
CA THR C 111 -10.13 -9.00 5.21
C THR C 111 -10.93 -9.25 3.93
N PRO C 112 -10.35 -9.09 2.74
CA PRO C 112 -11.07 -9.55 1.53
C PRO C 112 -11.09 -11.07 1.56
N LEU C 113 -12.26 -11.64 1.32
CA LEU C 113 -12.50 -13.05 1.56
C LEU C 113 -12.81 -13.73 0.23
N ILE C 114 -12.21 -14.89 0.01
CA ILE C 114 -12.49 -15.73 -1.15
C ILE C 114 -13.29 -16.92 -0.65
N THR C 115 -14.48 -17.13 -1.22
CA THR C 115 -15.34 -18.24 -0.89
C THR C 115 -15.73 -18.96 -2.16
N GLU C 116 -16.35 -20.13 -1.97
CA GLU C 116 -16.63 -21.06 -3.07
C GLU C 116 -17.51 -20.40 -4.12
N ARG C 117 -18.51 -19.62 -3.69
CA ARG C 117 -19.49 -19.06 -4.60
C ARG C 117 -19.17 -17.65 -5.06
N CYS C 118 -17.96 -17.15 -4.76
N CYS C 118 -17.97 -17.14 -4.75
CA CYS C 118 -17.55 -15.89 -5.35
CA CYS C 118 -17.56 -15.88 -5.35
C CYS C 118 -17.47 -16.04 -6.86
C CYS C 118 -17.49 -16.05 -6.86
N GLN C 119 -17.98 -15.05 -7.59
CA GLN C 119 -18.09 -15.13 -9.04
C GLN C 119 -16.95 -14.43 -9.76
N VAL C 120 -15.85 -14.14 -9.06
CA VAL C 120 -14.72 -13.44 -9.67
C VAL C 120 -13.43 -14.13 -9.27
N LYS C 121 -12.40 -13.89 -10.08
CA LYS C 121 -11.06 -14.38 -9.83
C LYS C 121 -10.08 -13.27 -10.20
N ILE C 122 -9.05 -13.11 -9.40
CA ILE C 122 -8.11 -12.01 -9.53
C ILE C 122 -6.70 -12.56 -9.39
N ASP C 123 -5.87 -12.29 -10.39
CA ASP C 123 -4.50 -12.77 -10.36
C ASP C 123 -3.69 -12.04 -9.27
N LYS C 124 -2.46 -12.50 -9.07
CA LYS C 124 -1.62 -11.94 -8.01
C LYS C 124 -1.22 -10.50 -8.31
N GLU C 125 -0.88 -10.22 -9.56
CA GLU C 125 -0.52 -8.85 -9.96
C GLU C 125 -1.70 -7.91 -9.70
N LYS C 126 -2.88 -8.29 -10.17
CA LYS C 126 -4.07 -7.46 -9.99
C LYS C 126 -4.45 -7.34 -8.52
N MET C 127 -4.28 -8.42 -7.76
CA MET C 127 -4.59 -8.33 -6.33
C MET C 127 -3.67 -7.34 -5.62
N ALA C 128 -2.38 -7.33 -5.98
CA ALA C 128 -1.50 -6.33 -5.37
C ALA C 128 -1.96 -4.92 -5.72
N LYS C 129 -2.39 -4.69 -6.96
CA LYS C 129 -2.85 -3.36 -7.33
C LYS C 129 -4.15 -3.01 -6.60
N LYS C 130 -5.06 -3.98 -6.47
CA LYS C 130 -6.28 -3.73 -5.73
C LYS C 130 -6.00 -3.40 -4.28
N MET C 131 -5.06 -4.11 -3.67
CA MET C 131 -4.73 -3.85 -2.26
C MET C 131 -4.16 -2.44 -2.08
N HIS C 132 -3.32 -1.98 -3.02
CA HIS C 132 -2.83 -0.61 -2.97
C HIS C 132 -3.98 0.40 -3.10
N GLN C 133 -4.89 0.15 -4.06
CA GLN C 133 -6.00 1.06 -4.28
C GLN C 133 -6.94 1.05 -3.09
N TRP C 134 -7.22 -0.13 -2.52
CA TRP C 134 -8.11 -0.22 -1.38
C TRP C 134 -7.52 0.46 -0.15
N LEU C 135 -6.22 0.34 0.08
CA LEU C 135 -5.60 1.08 1.19
C LEU C 135 -5.79 2.58 1.01
N ASN C 136 -5.61 3.07 -0.22
CA ASN C 136 -5.74 4.50 -0.44
C ASN C 136 -7.18 4.97 -0.27
N ILE C 137 -8.16 4.13 -0.64
CA ILE C 137 -9.57 4.46 -0.38
C ILE C 137 -9.84 4.56 1.11
N ILE C 138 -9.31 3.61 1.89
CA ILE C 138 -9.51 3.64 3.34
C ILE C 138 -8.87 4.89 3.92
N ILE C 139 -7.67 5.23 3.46
CA ILE C 139 -7.03 6.43 4.01
C ILE C 139 -7.86 7.66 3.68
N GLY C 140 -8.32 7.75 2.43
CA GLY C 140 -9.14 8.88 2.03
C GLY C 140 -10.40 8.96 2.87
N ALA C 141 -10.99 7.79 3.18
CA ALA C 141 -12.19 7.77 4.01
C ALA C 141 -11.91 8.27 5.42
N CYS C 142 -10.75 7.91 5.98
CA CYS C 142 -10.37 8.44 7.29
C CYS C 142 -10.12 9.94 7.24
N GLU C 143 -9.51 10.43 6.16
CA GLU C 143 -9.40 11.88 5.98
C GLU C 143 -10.78 12.54 6.00
N GLN C 144 -11.77 11.93 5.31
CA GLN C 144 -13.10 12.51 5.25
C GLN C 144 -13.86 12.40 6.58
N CYS C 145 -13.77 11.26 7.26
CA CYS C 145 -14.70 11.05 8.37
C CYS C 145 -14.15 11.46 9.72
N GLY C 146 -12.86 11.76 9.82
CA GLY C 146 -12.33 12.19 11.10
C GLY C 146 -11.54 11.14 11.87
N ARG C 147 -11.48 9.90 11.37
CA ARG C 147 -10.67 8.87 12.04
C ARG C 147 -9.21 9.20 11.93
N ASN C 148 -8.51 9.13 13.06
CA ASN C 148 -7.10 9.41 13.10
C ASN C 148 -6.25 8.15 13.24
N GLN C 149 -6.87 7.00 13.03
CA GLN C 149 -6.21 5.70 13.01
C GLN C 149 -6.77 4.99 11.79
N ILE C 150 -5.91 4.36 11.01
CA ILE C 150 -6.33 3.69 9.77
C ILE C 150 -6.73 2.25 10.08
N PRO C 151 -7.89 1.77 9.61
CA PRO C 151 -8.24 0.37 9.80
C PRO C 151 -7.18 -0.54 9.23
N GLU C 152 -7.02 -1.71 9.85
CA GLU C 152 -6.09 -2.72 9.34
C GLU C 152 -6.71 -3.39 8.12
N LEU C 153 -5.96 -3.40 7.02
CA LEU C 153 -6.38 -4.11 5.80
C LEU C 153 -5.49 -5.33 5.68
N ARG C 154 -6.09 -6.51 5.82
CA ARG C 154 -5.39 -7.77 5.78
C ARG C 154 -5.34 -8.30 4.37
N GLN C 155 -4.35 -9.16 4.11
CA GLN C 155 -4.24 -9.81 2.84
C GLN C 155 -5.45 -10.72 2.61
N PRO C 156 -5.87 -10.89 1.35
CA PRO C 156 -6.99 -11.79 1.06
C PRO C 156 -6.69 -13.22 1.46
N VAL C 157 -7.74 -13.90 1.95
CA VAL C 157 -7.63 -15.30 2.35
C VAL C 157 -8.90 -16.03 1.96
N TYR C 158 -8.76 -17.35 1.82
CA TYR C 158 -9.91 -18.20 1.66
C TYR C 158 -10.66 -18.35 2.99
N LEU C 159 -11.92 -18.74 2.89
CA LEU C 159 -12.77 -18.84 4.07
C LEU C 159 -12.20 -19.78 5.12
N ASP C 160 -11.60 -20.90 4.68
CA ASP C 160 -11.09 -21.86 5.66
C ASP C 160 -9.98 -21.27 6.51
N GLN C 161 -9.04 -20.53 5.90
CA GLN C 161 -8.01 -19.88 6.70
C GLN C 161 -8.59 -18.83 7.64
N PHE C 162 -9.54 -18.02 7.16
CA PHE C 162 -10.13 -16.99 8.00
C PHE C 162 -10.79 -17.58 9.24
N VAL C 163 -11.59 -18.64 9.06
CA VAL C 163 -12.26 -19.24 10.21
C VAL C 163 -11.28 -19.96 11.14
N ARG C 164 -10.20 -20.54 10.61
N ARG C 164 -10.20 -20.53 10.60
CA ARG C 164 -9.23 -21.19 11.47
CA ARG C 164 -9.21 -21.20 11.45
C ARG C 164 -8.50 -20.17 12.35
C ARG C 164 -8.47 -20.19 12.33
N GLU C 165 -8.20 -19.00 11.80
CA GLU C 165 -7.39 -18.01 12.50
C GLU C 165 -8.21 -17.02 13.34
N ALA C 166 -9.53 -16.95 13.15
CA ALA C 166 -10.32 -15.93 13.83
C ALA C 166 -10.31 -16.16 15.32
N LYS C 167 -9.96 -15.12 16.07
CA LYS C 167 -9.91 -15.21 17.53
C LYS C 167 -10.87 -14.25 18.21
N GLU C 168 -11.75 -13.58 17.45
CA GLU C 168 -12.63 -12.58 18.02
C GLU C 168 -13.61 -13.21 19.02
N HIS C 169 -14.02 -12.41 20.00
CA HIS C 169 -14.83 -12.91 21.10
C HIS C 169 -16.24 -13.26 20.65
N LEU C 170 -16.78 -12.51 19.70
CA LEU C 170 -18.06 -12.80 19.10
C LEU C 170 -17.83 -13.02 17.62
N LYS C 171 -18.41 -14.08 17.07
CA LYS C 171 -18.17 -14.48 15.69
C LYS C 171 -19.50 -14.66 15.00
N LEU C 172 -19.74 -13.86 13.96
CA LEU C 172 -21.04 -13.80 13.29
C LEU C 172 -20.84 -14.00 11.80
N ILE C 173 -21.85 -14.59 11.18
CA ILE C 173 -21.87 -14.79 9.74
C ILE C 173 -23.27 -14.46 9.23
N LEU C 174 -23.34 -13.65 8.19
CA LEU C 174 -24.62 -13.30 7.59
C LEU C 174 -25.09 -14.48 6.76
N HIS C 175 -26.02 -15.26 7.33
CA HIS C 175 -26.52 -16.44 6.63
C HIS C 175 -27.91 -16.71 7.20
N PRO C 176 -28.90 -17.07 6.36
CA PRO C 176 -30.27 -17.15 6.87
C PRO C 176 -30.56 -18.39 7.71
N ALA C 177 -29.93 -19.53 7.41
CA ALA C 177 -30.30 -20.78 8.07
C ALA C 177 -30.05 -20.70 9.57
N PHE C 178 -31.10 -20.93 10.35
CA PHE C 178 -31.05 -20.88 11.81
C PHE C 178 -30.61 -19.52 12.36
N SER C 179 -30.79 -18.47 11.57
CA SER C 179 -30.30 -17.15 11.95
C SER C 179 -31.03 -16.61 13.18
N LYS C 180 -30.33 -15.73 13.89
CA LYS C 180 -30.91 -14.91 14.95
C LYS C 180 -30.62 -13.45 14.62
N THR C 181 -31.34 -12.55 15.29
CA THR C 181 -31.12 -11.13 15.06
C THR C 181 -30.11 -10.59 16.06
N TRP C 182 -29.78 -9.31 15.89
CA TRP C 182 -28.79 -8.67 16.76
C TRP C 182 -29.18 -8.74 18.23
N ARG C 183 -30.49 -8.81 18.52
CA ARG C 183 -30.96 -8.84 19.89
C ARG C 183 -30.54 -10.11 20.64
N ASP C 184 -30.22 -11.17 19.91
CA ASP C 184 -29.91 -12.47 20.51
C ASP C 184 -28.43 -12.71 20.71
N TYR C 185 -27.59 -11.74 20.38
CA TYR C 185 -26.15 -11.94 20.46
C TYR C 185 -25.54 -10.90 21.37
N PRO C 186 -24.46 -11.23 22.06
CA PRO C 186 -23.85 -10.27 23.00
C PRO C 186 -22.92 -9.31 22.24
N VAL C 187 -23.55 -8.36 21.55
CA VAL C 187 -22.80 -7.39 20.75
C VAL C 187 -22.27 -6.32 21.70
N GLN C 188 -21.00 -6.46 22.07
CA GLN C 188 -20.37 -5.57 23.03
C GLN C 188 -18.87 -5.70 22.86
N PRO C 189 -18.09 -4.74 23.34
CA PRO C 189 -16.63 -4.88 23.29
C PRO C 189 -16.20 -6.15 23.99
N PRO C 190 -15.02 -6.71 23.66
CA PRO C 190 -13.97 -6.08 22.86
C PRO C 190 -14.16 -6.10 21.35
N ASP C 191 -14.51 -7.25 20.78
CA ASP C 191 -14.36 -7.39 19.34
C ASP C 191 -15.37 -8.36 18.76
N VAL C 192 -15.59 -8.21 17.46
N VAL C 192 -15.56 -8.25 17.46
CA VAL C 192 -16.52 -9.04 16.69
CA VAL C 192 -16.50 -9.10 16.74
C VAL C 192 -15.88 -9.35 15.35
C VAL C 192 -15.97 -9.34 15.34
N ALA C 193 -16.02 -10.60 14.90
CA ALA C 193 -15.68 -10.96 13.53
C ALA C 193 -16.99 -11.20 12.80
N LEU C 194 -17.13 -10.58 11.62
CA LEU C 194 -18.36 -10.68 10.84
C LEU C 194 -17.99 -11.10 9.43
N ILE C 195 -18.59 -12.20 8.98
CA ILE C 195 -18.38 -12.75 7.65
C ILE C 195 -19.58 -12.35 6.80
N ILE C 196 -19.32 -11.62 5.71
N ILE C 196 -19.32 -11.66 5.69
CA ILE C 196 -20.31 -11.34 4.67
CA ILE C 196 -20.33 -11.38 4.68
C ILE C 196 -19.90 -12.14 3.44
C ILE C 196 -19.93 -12.12 3.41
N GLY C 197 -20.77 -13.06 3.00
CA GLY C 197 -20.48 -13.87 1.85
C GLY C 197 -20.93 -13.21 0.57
N PRO C 198 -20.74 -13.91 -0.54
CA PRO C 198 -21.16 -13.39 -1.84
C PRO C 198 -22.66 -13.53 -2.01
N GLU C 199 -23.17 -12.92 -3.08
CA GLU C 199 -24.61 -12.91 -3.28
C GLU C 199 -25.17 -14.32 -3.39
N GLY C 200 -24.37 -15.27 -3.89
CA GLY C 200 -24.86 -16.65 -3.99
C GLY C 200 -24.81 -17.46 -2.72
N GLY C 201 -24.25 -16.91 -1.64
CA GLY C 201 -24.28 -17.60 -0.36
C GLY C 201 -23.09 -18.51 -0.12
N PHE C 202 -23.33 -19.53 0.71
CA PHE C 202 -22.30 -20.45 1.16
C PHE C 202 -22.76 -21.88 0.92
N SER C 203 -21.80 -22.76 0.64
CA SER C 203 -22.11 -24.17 0.47
C SER C 203 -22.34 -24.81 1.85
N ASP C 204 -23.01 -25.97 1.84
CA ASP C 204 -23.17 -26.73 3.07
C ASP C 204 -21.83 -26.99 3.74
N GLU C 205 -20.82 -27.33 2.93
CA GLU C 205 -19.48 -27.60 3.44
C GLU C 205 -18.92 -26.37 4.14
N GLU C 206 -19.08 -25.20 3.52
CA GLU C 206 -18.57 -23.97 4.12
C GLU C 206 -19.29 -23.68 5.44
N ILE C 207 -20.60 -23.92 5.49
CA ILE C 207 -21.35 -23.68 6.72
C ILE C 207 -20.96 -24.67 7.81
N ARG C 208 -20.65 -25.93 7.46
CA ARG C 208 -20.09 -26.84 8.44
C ARG C 208 -18.80 -26.28 9.02
N LEU C 209 -17.98 -25.68 8.16
CA LEU C 209 -16.72 -25.09 8.59
C LEU C 209 -16.96 -23.88 9.48
N THR C 210 -17.80 -22.93 9.03
CA THR C 210 -18.04 -21.73 9.83
C THR C 210 -18.70 -22.08 11.16
N SER C 211 -19.73 -22.93 11.12
CA SER C 211 -20.41 -23.29 12.37
C SER C 211 -19.49 -24.12 13.27
N GLY C 212 -18.59 -24.92 12.68
CA GLY C 212 -17.64 -25.68 13.47
C GLY C 212 -16.63 -24.83 14.19
N HIS C 213 -16.40 -23.61 13.73
CA HIS C 213 -15.50 -22.69 14.40
C HIS C 213 -16.24 -21.62 15.19
N GLY C 214 -17.53 -21.82 15.44
CA GLY C 214 -18.27 -20.95 16.33
C GLY C 214 -18.85 -19.70 15.71
N PHE C 215 -18.90 -19.59 14.38
CA PHE C 215 -19.55 -18.46 13.75
C PHE C 215 -21.06 -18.64 13.79
N LEU C 216 -21.73 -17.65 14.32
CA LEU C 216 -23.16 -17.73 14.61
C LEU C 216 -23.93 -16.99 13.54
N PRO C 217 -25.02 -17.56 13.01
CA PRO C 217 -25.72 -16.93 11.87
C PRO C 217 -26.57 -15.74 12.28
N LEU C 218 -26.41 -14.63 11.56
CA LEU C 218 -27.12 -13.38 11.83
C LEU C 218 -28.02 -13.03 10.65
N SER C 219 -29.24 -12.58 10.94
CA SER C 219 -30.13 -12.05 9.93
C SER C 219 -30.14 -10.52 9.98
N LEU C 220 -30.54 -9.90 8.87
CA LEU C 220 -30.71 -8.46 8.77
C LEU C 220 -32.00 -8.15 7.98
N GLY C 221 -33.12 -8.71 8.43
CA GLY C 221 -34.43 -8.41 7.86
C GLY C 221 -34.84 -9.37 6.75
N PRO C 222 -36.07 -9.23 6.27
CA PRO C 222 -36.61 -10.15 5.27
C PRO C 222 -36.32 -9.79 3.82
N ARG C 223 -35.68 -8.65 3.55
CA ARG C 223 -35.36 -8.24 2.19
C ARG C 223 -33.93 -8.63 1.86
N VAL C 224 -33.71 -9.08 0.64
CA VAL C 224 -32.37 -9.49 0.24
C VAL C 224 -31.54 -8.26 -0.02
N LEU C 225 -30.45 -8.10 0.75
CA LEU C 225 -29.58 -6.95 0.59
C LEU C 225 -28.47 -7.28 -0.39
N ARG C 226 -28.14 -6.32 -1.24
CA ARG C 226 -26.90 -6.39 -2.00
C ARG C 226 -25.72 -6.56 -1.04
N THR C 227 -24.65 -7.19 -1.53
N THR C 227 -24.66 -7.19 -1.52
CA THR C 227 -23.53 -7.51 -0.64
CA THR C 227 -23.55 -7.50 -0.64
C THR C 227 -22.90 -6.26 -0.04
C THR C 227 -22.97 -6.24 -0.02
N GLU C 228 -22.89 -5.14 -0.78
CA GLU C 228 -22.31 -3.92 -0.25
C GLU C 228 -23.27 -3.22 0.72
N THR C 229 -24.57 -3.34 0.48
CA THR C 229 -25.52 -2.81 1.46
C THR C 229 -25.43 -3.61 2.75
N ALA C 230 -25.29 -4.93 2.64
CA ALA C 230 -25.23 -5.78 3.82
C ALA C 230 -24.06 -5.42 4.69
N ALA C 231 -22.90 -5.17 4.09
CA ALA C 231 -21.74 -4.76 4.87
C ALA C 231 -22.04 -3.53 5.69
N ILE C 232 -22.58 -2.51 5.05
CA ILE C 232 -22.72 -1.24 5.77
C ILE C 232 -23.91 -1.30 6.73
N THR C 233 -24.97 -2.00 6.38
CA THR C 233 -26.07 -2.22 7.32
C THR C 233 -25.62 -3.00 8.54
N ALA C 234 -24.84 -4.06 8.34
CA ALA C 234 -24.39 -4.87 9.46
C ALA C 234 -23.49 -4.06 10.40
N LEU C 235 -22.50 -3.35 9.84
N LEU C 235 -22.53 -3.33 9.83
CA LEU C 235 -21.64 -2.51 10.67
CA LEU C 235 -21.64 -2.51 10.67
C LEU C 235 -22.44 -1.46 11.42
C LEU C 235 -22.43 -1.44 11.41
N SER C 236 -23.44 -0.87 10.77
CA SER C 236 -24.28 0.14 11.43
C SER C 236 -25.03 -0.45 12.62
N VAL C 237 -25.62 -1.64 12.42
CA VAL C 237 -26.39 -2.27 13.49
C VAL C 237 -25.47 -2.70 14.63
N LEU C 238 -24.30 -3.27 14.29
CA LEU C 238 -23.38 -3.73 15.33
C LEU C 238 -22.79 -2.55 16.09
N GLN C 239 -22.46 -1.45 15.39
CA GLN C 239 -21.92 -0.28 16.10
C GLN C 239 -22.99 0.38 16.95
N ALA C 240 -24.25 0.32 16.54
CA ALA C 240 -25.29 0.88 17.40
C ALA C 240 -25.52 0.00 18.62
N ALA C 241 -25.51 -1.33 18.41
CA ALA C 241 -25.80 -2.25 19.51
C ALA C 241 -24.69 -2.25 20.56
N GLY C 242 -23.44 -2.31 20.11
CA GLY C 242 -22.33 -2.46 21.05
C GLY C 242 -21.20 -1.47 20.89
N GLY C 243 -21.30 -0.55 19.94
CA GLY C 243 -20.26 0.43 19.73
C GLY C 243 -20.70 1.84 20.05
N ASP C 244 -20.28 2.81 19.23
CA ASP C 244 -20.43 4.22 19.57
C ASP C 244 -21.46 4.94 18.72
N LEU C 245 -22.37 4.22 18.07
CA LEU C 245 -23.48 4.90 17.46
C LEU C 245 -24.63 4.98 18.46
N ARG D 5 -33.64 -19.19 -8.90
CA ARG D 5 -33.60 -17.75 -8.84
C ARG D 5 -34.64 -17.15 -9.77
N THR D 6 -35.84 -16.92 -9.25
CA THR D 6 -36.94 -16.44 -10.06
C THR D 6 -36.71 -15.01 -10.53
N ILE D 7 -37.23 -14.70 -11.72
CA ILE D 7 -37.15 -13.36 -12.29
C ILE D 7 -38.33 -12.55 -11.76
N ARG D 8 -38.04 -11.46 -11.04
CA ARG D 8 -39.08 -10.59 -10.49
C ARG D 8 -39.24 -9.35 -11.35
N ILE D 9 -40.49 -9.01 -11.68
CA ILE D 9 -40.76 -7.92 -12.61
C ILE D 9 -41.90 -7.08 -12.06
N TYR D 10 -41.64 -5.79 -11.82
CA TYR D 10 -42.72 -4.89 -11.41
C TYR D 10 -43.65 -4.59 -12.59
N GLN D 11 -44.95 -4.81 -12.37
CA GLN D 11 -45.95 -4.62 -13.41
C GLN D 11 -47.20 -4.16 -12.68
N PRO D 12 -47.48 -2.86 -12.69
CA PRO D 12 -48.68 -2.36 -11.99
C PRO D 12 -49.93 -2.73 -12.76
N GLY D 13 -51.06 -2.64 -12.06
CA GLY D 13 -52.35 -2.93 -12.65
C GLY D 13 -53.13 -3.94 -11.82
N GLU D 14 -54.33 -4.25 -12.32
CA GLU D 14 -55.34 -5.03 -11.61
C GLU D 14 -55.66 -6.35 -12.31
N TYR D 15 -54.65 -6.99 -12.88
CA TYR D 15 -54.79 -8.28 -13.54
C TYR D 15 -54.98 -9.39 -12.51
N GLN D 16 -55.46 -10.55 -12.97
CA GLN D 16 -55.86 -11.63 -12.09
C GLN D 16 -55.51 -12.98 -12.69
N PRO D 17 -55.33 -14.02 -11.86
CA PRO D 17 -55.13 -15.37 -12.39
C PRO D 17 -56.19 -15.78 -13.40
N GLY D 18 -55.72 -16.35 -14.52
CA GLY D 18 -56.54 -16.74 -15.62
C GLY D 18 -56.45 -15.80 -16.81
N GLN D 19 -56.02 -14.56 -16.58
CA GLN D 19 -56.02 -13.56 -17.64
C GLN D 19 -54.73 -13.58 -18.44
N LEU D 20 -54.84 -13.18 -19.71
CA LEU D 20 -53.70 -12.83 -20.53
C LEU D 20 -53.39 -11.36 -20.24
N LEU D 21 -52.10 -11.03 -20.16
CA LEU D 21 -51.70 -9.66 -19.85
C LEU D 21 -50.56 -9.26 -20.77
N GLU D 22 -50.68 -8.10 -21.39
CA GLU D 22 -49.58 -7.52 -22.14
C GLU D 22 -48.74 -6.70 -21.16
N LEU D 23 -47.44 -7.00 -21.12
CA LEU D 23 -46.56 -6.28 -20.20
C LEU D 23 -46.40 -4.83 -20.63
N SER D 24 -46.09 -3.97 -19.65
CA SER D 24 -45.81 -2.57 -19.93
C SER D 24 -44.59 -2.48 -20.85
N PRO D 25 -44.41 -1.33 -21.54
CA PRO D 25 -43.19 -1.17 -22.35
C PRO D 25 -41.91 -1.40 -21.55
N GLU D 26 -41.87 -0.92 -20.31
CA GLU D 26 -40.68 -1.10 -19.47
C GLU D 26 -40.48 -2.58 -19.11
N ALA D 27 -41.55 -3.25 -18.69
CA ALA D 27 -41.45 -4.65 -18.33
C ALA D 27 -41.12 -5.51 -19.54
N GLY D 28 -41.76 -5.23 -20.69
CA GLY D 28 -41.49 -5.99 -21.90
C GLY D 28 -40.10 -5.76 -22.45
N GLN D 29 -39.58 -4.54 -22.34
CA GLN D 29 -38.18 -4.32 -22.67
C GLN D 29 -37.27 -5.15 -21.78
N HIS D 30 -37.52 -5.14 -20.46
CA HIS D 30 -36.72 -5.92 -19.52
C HIS D 30 -36.80 -7.42 -19.83
N VAL D 31 -38.02 -7.93 -20.04
CA VAL D 31 -38.22 -9.37 -20.19
C VAL D 31 -37.80 -9.87 -21.57
N GLY D 32 -38.28 -9.21 -22.63
CA GLY D 32 -38.08 -9.68 -23.98
C GLY D 32 -36.76 -9.28 -24.61
N VAL D 33 -36.26 -8.10 -24.31
CA VAL D 33 -35.04 -7.58 -24.93
C VAL D 33 -33.82 -7.76 -24.04
N VAL D 34 -33.90 -7.33 -22.79
CA VAL D 34 -32.74 -7.40 -21.90
C VAL D 34 -32.48 -8.84 -21.48
N LEU D 35 -33.51 -9.55 -21.02
CA LEU D 35 -33.31 -10.90 -20.54
C LEU D 35 -33.47 -11.96 -21.64
N ARG D 36 -33.92 -11.58 -22.84
CA ARG D 36 -34.05 -12.50 -23.97
C ARG D 36 -34.93 -13.72 -23.65
N MET D 37 -35.98 -13.52 -22.85
CA MET D 37 -36.82 -14.63 -22.44
C MET D 37 -37.79 -15.05 -23.54
N GLU D 38 -38.24 -16.29 -23.45
CA GLU D 38 -38.97 -16.94 -24.54
C GLU D 38 -40.25 -17.55 -24.04
N GLN D 39 -41.09 -17.94 -25.00
CA GLN D 39 -42.36 -18.57 -24.68
C GLN D 39 -42.16 -19.73 -23.71
N GLY D 40 -43.01 -19.79 -22.68
CA GLY D 40 -43.01 -20.85 -21.72
C GLY D 40 -42.28 -20.53 -20.44
N GLU D 41 -41.36 -19.57 -20.46
CA GLU D 41 -40.61 -19.30 -19.25
C GLU D 41 -41.47 -18.57 -18.22
N GLN D 42 -41.03 -18.65 -16.97
N GLN D 42 -41.06 -18.69 -16.96
CA GLN D 42 -41.77 -18.17 -15.82
CA GLN D 42 -41.83 -18.18 -15.82
C GLN D 42 -41.27 -16.79 -15.40
C GLN D 42 -41.28 -16.84 -15.35
N LEU D 43 -42.21 -15.99 -14.89
CA LEU D 43 -41.91 -14.70 -14.28
C LEU D 43 -42.71 -14.61 -12.99
N THR D 44 -42.15 -13.88 -12.02
CA THR D 44 -42.92 -13.43 -10.87
C THR D 44 -43.21 -11.95 -11.08
N LEU D 45 -44.45 -11.63 -11.36
CA LEU D 45 -44.86 -10.24 -11.46
C LEU D 45 -45.30 -9.77 -10.08
N PHE D 46 -45.02 -8.52 -9.78
CA PHE D 46 -45.63 -7.91 -8.60
C PHE D 46 -46.21 -6.57 -9.01
N ASN D 47 -47.39 -6.24 -8.47
CA ASN D 47 -48.10 -5.06 -8.94
C ASN D 47 -48.02 -3.88 -7.99
N GLY D 48 -47.24 -4.00 -6.91
CA GLY D 48 -47.15 -2.94 -5.90
C GLY D 48 -48.10 -3.07 -4.74
N ASP D 49 -48.94 -4.13 -4.70
CA ASP D 49 -49.94 -4.31 -3.66
C ASP D 49 -49.63 -5.54 -2.81
N ASN D 50 -48.34 -5.86 -2.66
CA ASN D 50 -47.89 -6.98 -1.80
C ASN D 50 -48.42 -8.32 -2.30
N LYS D 51 -48.54 -8.44 -3.61
CA LYS D 51 -48.90 -9.70 -4.24
C LYS D 51 -47.82 -10.11 -5.22
N GLU D 52 -47.58 -11.40 -5.30
CA GLU D 52 -46.69 -12.00 -6.32
C GLU D 52 -47.54 -12.84 -7.25
N PHE D 53 -47.50 -12.51 -8.53
CA PHE D 53 -48.23 -13.26 -9.55
C PHE D 53 -47.25 -14.15 -10.30
N THR D 54 -47.50 -15.46 -10.31
CA THR D 54 -46.71 -16.34 -11.14
C THR D 54 -47.32 -16.33 -12.54
N ALA D 55 -46.49 -16.14 -13.56
CA ALA D 55 -46.97 -15.97 -14.91
C ALA D 55 -46.05 -16.73 -15.85
N SER D 56 -46.62 -17.16 -16.97
N SER D 56 -46.60 -17.15 -16.98
CA SER D 56 -45.88 -17.84 -18.04
CA SER D 56 -45.87 -17.84 -18.03
C SER D 56 -45.87 -16.93 -19.25
C SER D 56 -45.88 -16.97 -19.27
N ILE D 57 -44.73 -16.87 -19.94
CA ILE D 57 -44.68 -16.10 -21.18
C ILE D 57 -45.45 -16.83 -22.28
N GLU D 58 -46.44 -16.12 -22.86
CA GLU D 58 -47.22 -16.70 -23.95
C GLU D 58 -46.70 -16.32 -25.33
N ARG D 59 -46.21 -15.09 -25.49
CA ARG D 59 -45.80 -14.57 -26.80
C ARG D 59 -44.80 -13.46 -26.56
N VAL D 60 -43.72 -13.43 -27.36
CA VAL D 60 -42.72 -12.36 -27.28
C VAL D 60 -42.51 -11.78 -28.67
N LYS D 61 -42.59 -10.46 -28.78
CA LYS D 61 -42.30 -9.72 -30.00
C LYS D 61 -41.42 -8.54 -29.60
N LYS D 62 -40.11 -8.78 -29.56
CA LYS D 62 -39.15 -7.82 -29.03
C LYS D 62 -39.63 -7.23 -27.71
N LYS D 63 -40.05 -5.96 -27.75
CA LYS D 63 -40.56 -5.27 -26.57
C LYS D 63 -41.96 -5.71 -26.18
N GLN D 64 -42.70 -6.35 -27.08
CA GLN D 64 -44.08 -6.73 -26.81
C GLN D 64 -44.11 -8.15 -26.25
N VAL D 65 -44.56 -8.28 -25.00
CA VAL D 65 -44.55 -9.55 -24.27
C VAL D 65 -45.93 -9.77 -23.69
N PHE D 66 -46.57 -10.87 -24.06
CA PHE D 66 -47.85 -11.27 -23.46
C PHE D 66 -47.62 -12.46 -22.54
N VAL D 67 -48.26 -12.44 -21.37
CA VAL D 67 -48.07 -13.46 -20.36
C VAL D 67 -49.42 -13.96 -19.91
N ARG D 68 -49.45 -15.20 -19.42
CA ARG D 68 -50.65 -15.77 -18.81
C ARG D 68 -50.45 -15.78 -17.30
N ILE D 69 -51.35 -15.11 -16.58
CA ILE D 69 -51.29 -15.10 -15.12
C ILE D 69 -51.80 -16.45 -14.63
N ALA D 70 -50.96 -17.19 -13.93
CA ALA D 70 -51.31 -18.51 -13.42
C ALA D 70 -51.90 -18.48 -12.02
N SER D 71 -51.34 -17.68 -11.11
CA SER D 71 -51.71 -17.73 -9.71
C SER D 71 -51.18 -16.47 -9.03
N VAL D 72 -51.71 -16.21 -7.85
CA VAL D 72 -51.27 -15.07 -7.05
C VAL D 72 -51.11 -15.51 -5.61
N LEU D 73 -50.15 -14.89 -4.93
CA LEU D 73 -49.91 -15.10 -3.51
C LEU D 73 -49.64 -13.76 -2.84
N GLU D 74 -50.17 -13.57 -1.64
CA GLU D 74 -49.85 -12.43 -0.81
C GLU D 74 -48.47 -12.66 -0.20
N VAL D 75 -47.55 -11.76 -0.49
CA VAL D 75 -46.18 -11.89 0.01
C VAL D 75 -45.76 -10.49 0.41
N ASN D 76 -45.56 -10.28 1.71
CA ASN D 76 -45.29 -8.95 2.23
C ASN D 76 -43.90 -8.96 2.86
N ARG D 77 -42.97 -8.17 2.27
CA ARG D 77 -41.63 -8.00 2.82
C ARG D 77 -41.40 -6.56 3.28
N GLU D 78 -42.48 -5.89 3.70
CA GLU D 78 -42.41 -4.53 4.19
C GLU D 78 -42.11 -4.54 5.68
N SER D 79 -41.36 -3.54 6.12
CA SER D 79 -41.19 -3.37 7.54
C SER D 79 -42.46 -2.79 8.17
N PRO D 80 -42.79 -3.21 9.39
CA PRO D 80 -43.89 -2.55 10.13
C PRO D 80 -43.58 -1.11 10.53
N LEU D 81 -42.31 -0.73 10.60
CA LEU D 81 -41.95 0.65 10.87
C LEU D 81 -41.85 1.37 9.53
N LYS D 82 -42.79 2.28 9.28
N LYS D 82 -42.79 2.27 9.27
CA LYS D 82 -42.88 3.03 8.03
CA LYS D 82 -42.85 3.00 8.00
C LYS D 82 -42.03 4.29 8.14
C LYS D 82 -42.04 4.29 8.12
N ILE D 83 -40.85 4.30 7.53
CA ILE D 83 -39.96 5.45 7.59
C ILE D 83 -40.24 6.35 6.39
N HIS D 84 -40.44 7.62 6.66
CA HIS D 84 -40.51 8.65 5.63
C HIS D 84 -39.18 9.41 5.65
N LEU D 85 -38.32 9.15 4.67
CA LEU D 85 -37.04 9.79 4.55
C LEU D 85 -37.19 11.07 3.73
N ALA D 86 -36.74 12.20 4.30
CA ALA D 86 -36.60 13.46 3.58
C ALA D 86 -35.11 13.69 3.39
N GLN D 87 -34.60 13.48 2.18
CA GLN D 87 -33.16 13.51 1.89
C GLN D 87 -32.84 14.78 1.12
N ALA D 88 -31.95 15.62 1.69
CA ALA D 88 -31.51 16.81 0.98
C ALA D 88 -30.85 16.41 -0.32
N ILE D 89 -31.21 17.12 -1.40
CA ILE D 89 -30.82 16.70 -2.74
C ILE D 89 -29.31 16.80 -2.91
N SER D 90 -28.71 15.70 -3.35
CA SER D 90 -27.27 15.58 -3.53
C SER D 90 -26.97 15.31 -4.99
N LYS D 91 -25.72 15.59 -5.36
CA LYS D 91 -25.29 15.56 -6.74
C LYS D 91 -25.15 14.12 -7.26
N GLY D 92 -25.81 13.84 -8.38
CA GLY D 92 -25.56 12.65 -9.17
C GLY D 92 -25.67 11.31 -8.47
N GLU D 93 -24.55 10.58 -8.45
CA GLU D 93 -24.56 9.20 -7.96
C GLU D 93 -24.83 9.10 -6.47
N ARG D 94 -24.64 10.18 -5.71
CA ARG D 94 -24.96 10.13 -4.29
C ARG D 94 -26.45 9.85 -4.09
N MET D 95 -27.31 10.65 -4.73
N MET D 95 -27.31 10.65 -4.72
CA MET D 95 -28.75 10.47 -4.54
CA MET D 95 -28.75 10.46 -4.54
C MET D 95 -29.21 9.14 -5.12
C MET D 95 -29.21 9.13 -5.11
N GLU D 96 -28.60 8.69 -6.21
CA GLU D 96 -28.96 7.39 -6.78
C GLU D 96 -28.65 6.27 -5.80
N MET D 97 -27.54 6.36 -5.06
CA MET D 97 -27.27 5.36 -4.05
C MET D 97 -28.33 5.41 -2.95
N VAL D 98 -28.73 6.61 -2.52
CA VAL D 98 -29.75 6.72 -1.46
C VAL D 98 -31.05 6.06 -1.91
N MET D 99 -31.49 6.34 -3.15
CA MET D 99 -32.72 5.76 -3.66
C MET D 99 -32.67 4.24 -3.64
N GLN D 100 -31.57 3.68 -4.15
CA GLN D 100 -31.45 2.23 -4.21
C GLN D 100 -31.38 1.63 -2.82
N LYS D 101 -30.47 2.14 -1.97
CA LYS D 101 -30.28 1.50 -0.67
C LYS D 101 -31.45 1.77 0.28
N SER D 102 -32.08 2.93 0.20
CA SER D 102 -33.23 3.15 1.08
C SER D 102 -34.36 2.20 0.73
N ALA D 103 -34.50 1.87 -0.55
CA ALA D 103 -35.54 0.90 -0.91
C ALA D 103 -35.20 -0.48 -0.36
N GLU D 104 -33.93 -0.89 -0.48
CA GLU D 104 -33.51 -2.17 0.10
C GLU D 104 -33.73 -2.20 1.60
N LEU D 105 -33.52 -1.06 2.26
CA LEU D 105 -33.68 -0.97 3.70
C LEU D 105 -35.13 -0.71 4.13
N GLY D 106 -36.09 -0.89 3.22
CA GLY D 106 -37.48 -0.88 3.63
C GLY D 106 -38.18 0.44 3.69
N VAL D 107 -37.54 1.54 3.25
CA VAL D 107 -38.10 2.88 3.40
C VAL D 107 -39.51 2.92 2.81
N ALA D 108 -40.43 3.60 3.51
CA ALA D 108 -41.83 3.60 3.07
C ALA D 108 -42.13 4.74 2.11
N CYS D 109 -41.45 5.87 2.27
N CYS D 109 -41.53 5.92 2.33
CA CYS D 109 -41.75 7.08 1.50
CA CYS D 109 -41.75 7.08 1.50
C CYS D 109 -40.48 7.92 1.48
C CYS D 109 -40.45 7.87 1.46
N ILE D 110 -40.22 8.57 0.35
CA ILE D 110 -39.02 9.38 0.15
C ILE D 110 -39.45 10.72 -0.40
N THR D 111 -39.00 11.79 0.24
CA THR D 111 -39.21 13.14 -0.26
C THR D 111 -37.86 13.80 -0.49
N PRO D 112 -37.50 14.14 -1.73
CA PRO D 112 -36.27 14.91 -1.93
C PRO D 112 -36.46 16.31 -1.33
N LEU D 113 -35.41 16.80 -0.68
CA LEU D 113 -35.51 18.01 0.12
C LEU D 113 -34.60 19.08 -0.45
N ILE D 114 -35.10 20.31 -0.49
CA ILE D 114 -34.32 21.49 -0.84
C ILE D 114 -34.14 22.29 0.44
N THR D 115 -32.88 22.51 0.83
CA THR D 115 -32.55 23.27 2.02
C THR D 115 -31.56 24.36 1.67
N GLU D 116 -31.36 25.28 2.63
CA GLU D 116 -30.55 26.46 2.40
C GLU D 116 -29.15 26.12 1.89
N ARG D 117 -28.52 25.10 2.47
CA ARG D 117 -27.12 24.80 2.18
C ARG D 117 -26.94 23.69 1.15
N CYS D 118 -27.99 23.33 0.41
CA CYS D 118 -27.81 22.41 -0.70
C CYS D 118 -27.08 23.08 -1.86
N GLN D 119 -26.24 22.32 -2.56
CA GLN D 119 -25.41 22.86 -3.62
C GLN D 119 -26.03 22.69 -5.00
N VAL D 120 -27.31 22.37 -5.09
CA VAL D 120 -27.97 22.01 -6.33
C VAL D 120 -28.82 23.18 -6.80
N LYS D 121 -28.88 23.39 -8.12
CA LYS D 121 -29.65 24.46 -8.73
C LYS D 121 -30.52 23.94 -9.87
N ILE D 122 -31.00 22.70 -9.73
CA ILE D 122 -31.65 22.01 -10.85
C ILE D 122 -33.01 22.65 -11.15
N ASP D 123 -33.29 22.89 -12.42
CA ASP D 123 -34.54 23.47 -12.88
C ASP D 123 -35.65 22.43 -12.87
N LYS D 124 -36.82 22.83 -13.39
CA LYS D 124 -37.97 21.94 -13.40
C LYS D 124 -37.79 20.78 -14.39
N GLU D 125 -37.26 21.07 -15.58
CA GLU D 125 -37.13 20.02 -16.59
C GLU D 125 -36.06 19.00 -16.20
N LYS D 126 -34.92 19.47 -15.66
CA LYS D 126 -33.90 18.53 -15.21
C LYS D 126 -34.38 17.72 -14.01
N MET D 127 -35.16 18.34 -13.13
CA MET D 127 -35.69 17.62 -11.97
C MET D 127 -36.67 16.54 -12.38
N ALA D 128 -37.43 16.76 -13.45
CA ALA D 128 -38.32 15.72 -13.93
C ALA D 128 -37.53 14.51 -14.41
N LYS D 129 -36.41 14.74 -15.09
CA LYS D 129 -35.57 13.63 -15.55
C LYS D 129 -34.99 12.86 -14.37
N LYS D 130 -34.54 13.58 -13.33
CA LYS D 130 -34.01 12.90 -12.14
C LYS D 130 -35.10 12.10 -11.43
N MET D 131 -36.28 12.70 -11.25
CA MET D 131 -37.37 12.01 -10.57
C MET D 131 -37.75 10.73 -11.30
N HIS D 132 -37.69 10.75 -12.63
CA HIS D 132 -37.95 9.53 -13.39
C HIS D 132 -36.83 8.51 -13.17
N GLN D 133 -35.57 8.96 -13.20
CA GLN D 133 -34.46 8.05 -13.01
C GLN D 133 -34.49 7.44 -11.60
N TRP D 134 -34.76 8.27 -10.60
CA TRP D 134 -34.81 7.76 -9.23
C TRP D 134 -35.96 6.76 -9.04
N LEU D 135 -37.11 7.03 -9.66
CA LEU D 135 -38.21 6.07 -9.55
C LEU D 135 -37.83 4.72 -10.16
N ASN D 136 -37.12 4.75 -11.30
CA ASN D 136 -36.68 3.50 -11.92
C ASN D 136 -35.69 2.76 -11.03
N ILE D 137 -34.82 3.49 -10.33
CA ILE D 137 -33.86 2.85 -9.43
C ILE D 137 -34.58 2.16 -8.28
N ILE D 138 -35.59 2.84 -7.72
CA ILE D 138 -36.37 2.27 -6.62
C ILE D 138 -37.06 0.99 -7.06
N ILE D 139 -37.67 1.03 -8.26
CA ILE D 139 -38.36 -0.15 -8.80
C ILE D 139 -37.38 -1.31 -8.99
N GLY D 140 -36.24 -1.03 -9.61
CA GLY D 140 -35.20 -2.04 -9.73
C GLY D 140 -34.78 -2.60 -8.38
N ALA D 141 -34.63 -1.73 -7.38
CA ALA D 141 -34.25 -2.20 -6.06
C ALA D 141 -35.30 -3.13 -5.45
N CYS D 142 -36.59 -2.85 -5.69
CA CYS D 142 -37.65 -3.71 -5.21
C CYS D 142 -37.68 -5.03 -5.95
N GLU D 143 -37.42 -4.99 -7.26
CA GLU D 143 -37.27 -6.25 -7.99
C GLU D 143 -36.15 -7.10 -7.40
N GLN D 144 -35.02 -6.46 -7.05
CA GLN D 144 -33.86 -7.19 -6.53
C GLN D 144 -34.11 -7.71 -5.13
N CYS D 145 -34.67 -6.86 -4.26
CA CYS D 145 -34.64 -7.16 -2.82
C CYS D 145 -35.85 -7.94 -2.35
N GLY D 146 -36.88 -8.07 -3.19
CA GLY D 146 -38.06 -8.84 -2.85
C GLY D 146 -39.23 -8.03 -2.35
N ARG D 147 -39.11 -6.70 -2.29
CA ARG D 147 -40.26 -5.92 -1.87
C ARG D 147 -41.35 -5.92 -2.95
N ASN D 148 -42.58 -6.16 -2.52
CA ASN D 148 -43.73 -6.21 -3.41
C ASN D 148 -44.62 -4.97 -3.28
N GLN D 149 -44.14 -3.95 -2.58
CA GLN D 149 -44.74 -2.63 -2.57
C GLN D 149 -43.60 -1.65 -2.82
N ILE D 150 -43.85 -0.63 -3.63
CA ILE D 150 -42.86 0.36 -4.03
C ILE D 150 -42.95 1.51 -3.04
N PRO D 151 -41.82 1.98 -2.52
CA PRO D 151 -41.84 3.22 -1.73
C PRO D 151 -42.41 4.35 -2.56
N GLU D 152 -43.20 5.19 -1.91
CA GLU D 152 -43.69 6.39 -2.56
C GLU D 152 -42.54 7.37 -2.72
N LEU D 153 -42.33 7.88 -3.93
CA LEU D 153 -41.35 8.93 -4.17
C LEU D 153 -42.11 10.23 -4.42
N ARG D 154 -42.05 11.13 -3.45
CA ARG D 154 -42.84 12.35 -3.54
C ARG D 154 -42.06 13.45 -4.26
N GLN D 155 -42.80 14.45 -4.75
CA GLN D 155 -42.17 15.57 -5.42
C GLN D 155 -41.30 16.34 -4.43
N PRO D 156 -40.17 16.87 -4.88
CA PRO D 156 -39.28 17.61 -3.95
C PRO D 156 -40.00 18.80 -3.33
N VAL D 157 -39.63 19.10 -2.09
CA VAL D 157 -40.20 20.24 -1.38
C VAL D 157 -39.10 20.94 -0.61
N TYR D 158 -39.36 22.19 -0.25
CA TYR D 158 -38.51 22.91 0.69
C TYR D 158 -38.70 22.36 2.10
N LEU D 159 -37.67 22.55 2.92
CA LEU D 159 -37.72 22.09 4.31
C LEU D 159 -38.94 22.65 5.04
N ASP D 160 -39.27 23.91 4.77
CA ASP D 160 -40.42 24.53 5.42
C ASP D 160 -41.70 23.75 5.17
N GLN D 161 -41.94 23.34 3.92
CA GLN D 161 -43.14 22.58 3.62
C GLN D 161 -43.12 21.22 4.31
N PHE D 162 -41.98 20.52 4.22
CA PHE D 162 -41.91 19.17 4.77
C PHE D 162 -42.20 19.17 6.27
N VAL D 163 -41.56 20.09 6.98
N VAL D 163 -41.59 20.10 7.00
CA VAL D 163 -41.62 20.12 8.43
CA VAL D 163 -41.79 20.08 8.45
C VAL D 163 -43.02 20.51 8.90
C VAL D 163 -43.20 20.48 8.82
N ARG D 164 -43.73 21.34 8.13
N ARG D 164 -43.80 21.41 8.08
CA ARG D 164 -45.09 21.72 8.50
CA ARG D 164 -45.17 21.83 8.37
C ARG D 164 -46.07 20.59 8.22
C ARG D 164 -46.18 20.73 8.08
N GLU D 165 -45.87 19.85 7.13
CA GLU D 165 -46.81 18.82 6.69
C GLU D 165 -46.60 17.48 7.37
N ALA D 166 -45.48 17.24 8.03
CA ALA D 166 -45.17 15.91 8.52
C ALA D 166 -46.15 15.50 9.61
N LYS D 167 -46.74 14.32 9.46
CA LYS D 167 -47.73 13.81 10.41
C LYS D 167 -47.29 12.53 11.09
N GLU D 168 -46.04 12.09 10.87
CA GLU D 168 -45.55 10.87 11.50
C GLU D 168 -45.55 11.02 13.02
N HIS D 169 -45.63 9.89 13.74
CA HIS D 169 -45.81 9.96 15.17
C HIS D 169 -44.53 10.31 15.89
N LEU D 170 -43.40 10.07 15.25
CA LEU D 170 -42.09 10.42 15.78
C LEU D 170 -41.33 11.06 14.62
N LYS D 171 -40.62 12.15 14.92
CA LYS D 171 -40.01 12.98 13.90
C LYS D 171 -38.58 13.26 14.30
N LEU D 172 -37.63 12.85 13.48
CA LEU D 172 -36.21 12.93 13.79
C LEU D 172 -35.46 13.63 12.68
N ILE D 173 -34.36 14.27 13.07
CA ILE D 173 -33.47 14.91 12.12
C ILE D 173 -32.03 14.54 12.49
N LEU D 174 -31.22 14.19 11.49
CA LEU D 174 -29.83 13.88 11.77
C LEU D 174 -29.09 15.17 12.07
N HIS D 175 -28.64 15.33 13.33
CA HIS D 175 -28.10 16.60 13.77
C HIS D 175 -27.39 16.31 15.09
N PRO D 176 -26.31 17.04 15.40
CA PRO D 176 -25.51 16.72 16.60
C PRO D 176 -26.04 17.33 17.90
N ALA D 177 -27.01 18.23 17.85
CA ALA D 177 -27.48 18.92 19.06
C ALA D 177 -27.82 17.94 20.17
N PHE D 178 -27.20 18.15 21.33
CA PHE D 178 -27.45 17.43 22.58
C PHE D 178 -26.98 16.00 22.56
N SER D 179 -26.30 15.56 21.49
CA SER D 179 -25.72 14.23 21.40
C SER D 179 -26.74 13.15 21.79
N LYS D 180 -27.92 13.21 21.17
CA LYS D 180 -28.96 12.23 21.44
C LYS D 180 -28.77 11.06 20.50
N THR D 181 -28.99 9.86 21.02
CA THR D 181 -28.79 8.64 20.26
C THR D 181 -30.08 7.85 20.19
N TRP D 182 -30.01 6.70 19.52
CA TRP D 182 -31.18 5.81 19.50
C TRP D 182 -31.66 5.43 20.89
N ARG D 183 -30.77 5.49 21.91
CA ARG D 183 -31.16 5.12 23.25
C ARG D 183 -32.14 6.14 23.85
N ASP D 184 -32.25 7.32 23.27
CA ASP D 184 -33.08 8.38 23.81
C ASP D 184 -34.47 8.37 23.22
N TYR D 185 -34.74 7.47 22.27
CA TYR D 185 -36.01 7.52 21.56
C TYR D 185 -36.73 6.18 21.63
N PRO D 186 -38.06 6.23 21.73
CA PRO D 186 -38.87 5.02 21.54
C PRO D 186 -39.16 4.77 20.07
N VAL D 187 -38.23 4.11 19.39
CA VAL D 187 -38.37 3.85 17.96
C VAL D 187 -39.23 2.60 17.82
N GLN D 188 -40.45 2.77 17.31
CA GLN D 188 -41.37 1.66 17.10
C GLN D 188 -42.42 2.09 16.10
N PRO D 189 -43.18 1.16 15.54
CA PRO D 189 -44.24 1.53 14.61
C PRO D 189 -45.25 2.44 15.28
N PRO D 190 -46.06 3.19 14.51
CA PRO D 190 -46.32 2.96 13.07
C PRO D 190 -45.30 3.54 12.10
N ASP D 191 -44.65 4.63 12.46
CA ASP D 191 -43.93 5.41 11.47
C ASP D 191 -42.88 6.25 12.15
N VAL D 192 -42.05 6.88 11.31
CA VAL D 192 -41.06 7.85 11.77
C VAL D 192 -40.69 8.70 10.55
N ALA D 193 -40.64 10.01 10.72
CA ALA D 193 -40.08 10.90 9.72
C ALA D 193 -38.61 11.13 10.06
N LEU D 194 -37.74 11.08 9.03
CA LEU D 194 -36.32 11.30 9.20
C LEU D 194 -35.82 12.30 8.17
N ILE D 195 -35.22 13.39 8.65
CA ILE D 195 -34.64 14.42 7.78
C ILE D 195 -33.13 14.22 7.77
N ILE D 196 -32.57 14.08 6.58
CA ILE D 196 -31.12 14.07 6.40
C ILE D 196 -30.75 15.29 5.58
N GLY D 197 -29.89 16.15 6.12
CA GLY D 197 -29.53 17.37 5.44
C GLY D 197 -28.31 17.19 4.56
N PRO D 198 -27.87 18.28 3.92
CA PRO D 198 -26.69 18.23 3.07
C PRO D 198 -25.42 18.20 3.92
N GLU D 199 -24.29 17.93 3.26
CA GLU D 199 -23.04 17.83 4.02
C GLU D 199 -22.73 19.12 4.76
N GLY D 200 -23.23 20.26 4.29
CA GLY D 200 -23.00 21.52 4.95
C GLY D 200 -23.89 21.80 6.13
N GLY D 201 -24.86 20.95 6.42
CA GLY D 201 -25.69 21.12 7.60
C GLY D 201 -26.85 22.07 7.37
N PHE D 202 -27.41 22.54 8.48
CA PHE D 202 -28.57 23.40 8.46
C PHE D 202 -28.24 24.76 9.02
N SER D 203 -28.93 25.78 8.52
CA SER D 203 -28.79 27.11 9.10
C SER D 203 -29.51 27.15 10.45
N ASP D 204 -29.15 28.17 11.25
CA ASP D 204 -29.79 28.33 12.55
C ASP D 204 -31.30 28.50 12.40
N GLU D 205 -31.73 29.28 11.41
CA GLU D 205 -33.14 29.46 11.15
C GLU D 205 -33.82 28.13 10.84
N GLU D 206 -33.18 27.30 10.02
CA GLU D 206 -33.75 26.01 9.66
C GLU D 206 -33.94 25.12 10.90
N ILE D 207 -32.99 25.17 11.83
CA ILE D 207 -33.10 24.36 13.04
C ILE D 207 -34.24 24.87 13.93
N ARG D 208 -34.42 26.19 13.99
CA ARG D 208 -35.57 26.71 14.75
C ARG D 208 -36.88 26.28 14.11
N LEU D 209 -36.89 26.12 12.78
CA LEU D 209 -38.09 25.65 12.09
C LEU D 209 -38.34 24.17 12.38
N THR D 210 -37.31 23.33 12.24
CA THR D 210 -37.49 21.89 12.48
C THR D 210 -37.84 21.61 13.93
N SER D 211 -37.12 22.23 14.88
CA SER D 211 -37.41 22.00 16.28
C SER D 211 -38.80 22.50 16.67
N GLY D 212 -39.23 23.64 16.10
CA GLY D 212 -40.55 24.16 16.40
C GLY D 212 -41.68 23.26 15.94
N HIS D 213 -41.40 22.34 15.00
CA HIS D 213 -42.41 21.43 14.48
C HIS D 213 -42.21 20.00 14.98
N GLY D 214 -41.50 19.83 16.08
CA GLY D 214 -41.40 18.54 16.75
C GLY D 214 -40.33 17.60 16.25
N PHE D 215 -39.42 18.04 15.37
CA PHE D 215 -38.31 17.20 14.94
C PHE D 215 -37.20 17.23 15.98
N LEU D 216 -36.77 16.07 16.39
CA LEU D 216 -35.80 15.94 17.45
C LEU D 216 -34.49 15.40 16.89
N PRO D 217 -33.35 15.79 17.43
CA PRO D 217 -32.07 15.47 16.81
C PRO D 217 -31.58 14.07 17.14
N LEU D 218 -30.90 13.46 16.16
CA LEU D 218 -30.37 12.13 16.31
C LEU D 218 -28.94 12.15 15.80
N SER D 219 -28.00 11.76 16.64
N SER D 219 -28.00 11.79 16.65
CA SER D 219 -26.61 11.61 16.25
CA SER D 219 -26.62 11.59 16.26
C SER D 219 -26.29 10.14 16.00
C SER D 219 -26.39 10.13 15.89
N LEU D 220 -25.31 9.90 15.13
CA LEU D 220 -24.94 8.56 14.72
C LEU D 220 -23.43 8.44 14.80
N GLY D 221 -22.88 8.60 16.00
CA GLY D 221 -21.46 8.38 16.19
C GLY D 221 -20.58 9.61 16.02
N PRO D 222 -19.30 9.46 16.33
CA PRO D 222 -18.38 10.61 16.31
C PRO D 222 -17.66 10.84 15.00
N ARG D 223 -17.89 9.98 14.00
CA ARG D 223 -17.29 10.14 12.70
C ARG D 223 -18.28 10.79 11.74
N VAL D 224 -17.76 11.70 10.91
CA VAL D 224 -18.56 12.39 9.92
C VAL D 224 -18.89 11.42 8.79
N LEU D 225 -20.18 11.17 8.60
CA LEU D 225 -20.65 10.28 7.55
C LEU D 225 -20.95 11.08 6.29
N ARG D 226 -20.55 10.54 5.14
CA ARG D 226 -21.04 11.09 3.88
C ARG D 226 -22.56 10.99 3.89
N THR D 227 -23.22 11.91 3.17
N THR D 227 -23.19 11.90 3.14
CA THR D 227 -24.68 11.96 3.24
CA THR D 227 -24.64 12.03 3.14
C THR D 227 -25.32 10.65 2.81
C THR D 227 -25.32 10.71 2.77
N GLU D 228 -24.74 9.98 1.80
CA GLU D 228 -25.32 8.71 1.39
C GLU D 228 -25.07 7.61 2.41
N THR D 229 -23.90 7.62 3.05
CA THR D 229 -23.67 6.68 4.14
C THR D 229 -24.65 6.92 5.30
N ALA D 230 -24.93 8.19 5.61
CA ALA D 230 -25.81 8.51 6.74
C ALA D 230 -27.21 7.97 6.49
N ALA D 231 -27.66 8.00 5.24
CA ALA D 231 -28.96 7.40 4.91
C ALA D 231 -28.97 5.90 5.18
N ILE D 232 -27.94 5.18 4.68
CA ILE D 232 -27.83 3.74 4.94
C ILE D 232 -27.81 3.49 6.44
N THR D 233 -26.95 4.22 7.17
CA THR D 233 -26.76 3.93 8.57
C THR D 233 -28.02 4.28 9.39
N ALA D 234 -28.61 5.43 9.12
CA ALA D 234 -29.79 5.84 9.88
C ALA D 234 -30.96 4.86 9.67
N LEU D 235 -31.22 4.49 8.42
CA LEU D 235 -32.32 3.54 8.19
C LEU D 235 -32.01 2.18 8.79
N SER D 236 -30.75 1.74 8.74
CA SER D 236 -30.38 0.46 9.35
C SER D 236 -30.62 0.49 10.84
N VAL D 237 -30.19 1.58 11.48
CA VAL D 237 -30.35 1.71 12.93
C VAL D 237 -31.82 1.79 13.31
N LEU D 238 -32.60 2.56 12.57
CA LEU D 238 -34.01 2.68 12.89
C LEU D 238 -34.75 1.38 12.67
N GLN D 239 -34.45 0.64 11.58
CA GLN D 239 -35.13 -0.64 11.35
C GLN D 239 -34.71 -1.68 12.37
N ALA D 240 -33.44 -1.64 12.81
CA ALA D 240 -33.03 -2.58 13.85
C ALA D 240 -33.65 -2.22 15.20
N ALA D 241 -33.82 -0.94 15.47
CA ALA D 241 -34.40 -0.48 16.73
C ALA D 241 -35.89 -0.77 16.80
N GLY D 242 -36.63 -0.42 15.75
CA GLY D 242 -38.09 -0.48 15.83
C GLY D 242 -38.78 -1.14 14.66
N GLY D 243 -38.00 -1.68 13.73
CA GLY D 243 -38.56 -2.33 12.56
C GLY D 243 -38.22 -3.82 12.51
N ASP D 244 -37.85 -4.33 11.33
CA ASP D 244 -37.74 -5.78 11.14
C ASP D 244 -36.31 -6.26 10.95
N LEU D 245 -35.31 -5.48 11.35
CA LEU D 245 -33.92 -5.95 11.30
C LEU D 245 -33.51 -6.61 12.63
#